data_5XGW
#
_entry.id   5XGW
#
_cell.length_a   108.001
_cell.length_b   108.001
_cell.length_c   156.236
_cell.angle_alpha   90.00
_cell.angle_beta   90.00
_cell.angle_gamma   90.00
#
_symmetry.space_group_name_H-M   'P 4 21 2'
#
loop_
_entity.id
_entity.type
_entity.pdbx_description
1 polymer 'Isoaspartyl dipeptidase'
2 non-polymer 'ZINC ION'
3 water water
#
_entity_poly.entity_id   1
_entity_poly.type   'polypeptide(L)'
_entity_poly.pdbx_seq_one_letter_code
;MNDSQTMLILLCNVNIYAPNPLGIKDVLIAGNKIAAIYDHGQGEITIPKQWPVKVINFDGAILTPGFIDSHAHITGGGGE
AGFATQVPPVGLTEFTHAGVTTVVGLLGTDDTTRSTENLLSRVYGLREEGLSAYCWTGGYHFPLTTITGSAKSDIAFLEP
VIGIGEFAISDHRSSQPTFEEVIRLASETHVAGLITGKAGVIHFHLGDGERRLELIERAIRETELPARVFNPTHVNRNKP
LFEDSCKLLSKGCHIDLTAFPAGTAQPGWEACDAIEMAVERQLPLEQITLSSDGGGCLPCFDPQGELQHMDFGRASTLGE
TLVATLNKGLSLETVLPMLTSNVANILRFKNKGQIAVGFDADLLVMNEKYEITDVMAQGVWHKQNNQTMIKGTFE
;
_entity_poly.pdbx_strand_id   A,B
#
# COMPACT_ATOMS: atom_id res chain seq x y z
N THR A 6 10.37 -19.17 0.29
CA THR A 6 11.63 -18.43 -0.04
C THR A 6 11.34 -17.38 -1.13
N MET A 7 12.28 -16.48 -1.30
CA MET A 7 11.97 -15.30 -2.06
C MET A 7 12.10 -15.37 -3.63
N LEU A 8 12.84 -16.34 -4.17
CA LEU A 8 12.95 -16.47 -5.62
C LEU A 8 12.37 -17.81 -5.97
N ILE A 9 11.54 -17.86 -7.00
CA ILE A 9 10.88 -19.09 -7.45
C ILE A 9 11.03 -19.13 -8.95
N LEU A 10 11.60 -20.23 -9.44
CA LEU A 10 11.79 -20.44 -10.84
C LEU A 10 10.76 -21.47 -11.26
N LEU A 11 9.83 -21.03 -12.14
CA LEU A 11 8.77 -21.85 -12.70
C LEU A 11 9.27 -22.31 -14.08
N CYS A 12 9.65 -23.59 -14.21
CA CYS A 12 10.26 -24.10 -15.44
C CYS A 12 9.22 -24.83 -16.23
N ASN A 13 9.29 -24.62 -17.53
CA ASN A 13 8.54 -25.41 -18.53
C ASN A 13 7.06 -25.15 -18.38
N VAL A 14 6.69 -23.86 -18.58
CA VAL A 14 5.27 -23.46 -18.55
C VAL A 14 4.85 -22.93 -19.90
N ASN A 15 3.62 -23.21 -20.29
CA ASN A 15 3.09 -22.79 -21.57
C ASN A 15 2.24 -21.52 -21.28
N ILE A 16 2.87 -20.41 -21.50
CA ILE A 16 2.36 -19.11 -21.00
C ILE A 16 1.35 -18.49 -21.94
N TYR A 17 0.17 -18.14 -21.36
CA TYR A 17 -0.85 -17.30 -22.00
C TYR A 17 -0.79 -16.00 -21.17
N ALA A 18 -0.17 -14.99 -21.76
CA ALA A 18 0.23 -13.78 -21.05
C ALA A 18 -0.77 -12.62 -20.89
N PRO A 19 -1.98 -12.58 -21.47
CA PRO A 19 -2.77 -13.63 -22.02
C PRO A 19 -2.42 -14.08 -23.42
N ASN A 20 -1.66 -13.29 -24.13
CA ASN A 20 -1.32 -13.69 -25.48
C ASN A 20 -0.26 -14.85 -25.41
N PRO A 21 -0.35 -15.80 -26.33
CA PRO A 21 0.47 -17.01 -26.18
C PRO A 21 1.94 -16.74 -26.48
N LEU A 22 2.78 -17.09 -25.54
CA LEU A 22 4.22 -16.99 -25.68
C LEU A 22 4.91 -18.31 -26.00
N GLY A 23 4.22 -19.43 -25.86
CA GLY A 23 4.86 -20.73 -25.94
C GLY A 23 5.47 -21.13 -24.62
N ILE A 24 6.37 -22.13 -24.71
CA ILE A 24 6.97 -22.73 -23.52
C ILE A 24 8.11 -21.85 -23.02
N LYS A 25 8.11 -21.49 -21.72
CA LYS A 25 9.11 -20.57 -21.15
C LYS A 25 9.50 -21.03 -19.76
N ASP A 26 10.52 -20.40 -19.23
CA ASP A 26 10.78 -20.44 -17.81
C ASP A 26 10.55 -19.07 -17.26
N VAL A 27 10.07 -19.01 -16.01
CA VAL A 27 9.74 -17.70 -15.42
C VAL A 27 10.41 -17.60 -14.06
N LEU A 28 11.13 -16.50 -13.81
CA LEU A 28 11.70 -16.22 -12.51
C LEU A 28 10.80 -15.19 -11.83
N ILE A 29 10.35 -15.57 -10.64
CA ILE A 29 9.63 -14.73 -9.71
C ILE A 29 10.60 -14.20 -8.65
N ALA A 30 10.61 -12.91 -8.37
CA ALA A 30 11.42 -12.37 -7.29
C ALA A 30 10.52 -11.62 -6.36
N GLY A 31 10.25 -12.20 -5.19
CA GLY A 31 9.30 -11.62 -4.28
C GLY A 31 7.93 -11.60 -4.93
N ASN A 32 7.32 -10.42 -4.96
CA ASN A 32 5.94 -10.32 -5.47
C ASN A 32 5.94 -9.91 -6.94
N LYS A 33 7.09 -9.97 -7.65
CA LYS A 33 7.21 -9.50 -9.04
C LYS A 33 7.70 -10.58 -10.01
N ILE A 34 7.28 -10.48 -11.24
CA ILE A 34 7.80 -11.30 -12.33
C ILE A 34 9.11 -10.66 -12.82
N ALA A 35 10.23 -11.38 -12.67
CA ALA A 35 11.57 -10.78 -12.92
C ALA A 35 12.14 -11.12 -14.32
N ALA A 36 11.76 -12.26 -14.88
CA ALA A 36 12.29 -12.78 -16.15
C ALA A 36 11.40 -13.82 -16.76
N ILE A 37 11.34 -13.84 -18.10
CA ILE A 37 10.62 -14.84 -18.88
C ILE A 37 11.53 -15.15 -20.06
N TYR A 38 11.91 -16.41 -20.21
CA TYR A 38 12.91 -16.78 -21.23
C TYR A 38 12.75 -18.20 -21.68
N ASP A 39 13.31 -18.48 -22.85
CA ASP A 39 13.13 -19.78 -23.48
C ASP A 39 13.71 -20.85 -22.60
N HIS A 40 12.93 -21.92 -22.46
CA HIS A 40 13.11 -23.03 -21.53
C HIS A 40 14.48 -23.74 -21.65
N GLY A 41 15.22 -23.71 -20.54
CA GLY A 41 16.30 -24.64 -20.23
C GLY A 41 15.97 -25.34 -18.92
N GLN A 42 16.92 -26.10 -18.36
CA GLN A 42 16.68 -26.96 -17.18
C GLN A 42 18.02 -27.34 -16.48
N GLY A 43 18.74 -28.32 -17.05
CA GLY A 43 19.99 -28.85 -16.48
C GLY A 43 21.20 -27.97 -16.73
N GLU A 44 21.15 -27.09 -17.75
CA GLU A 44 22.27 -26.20 -18.14
C GLU A 44 22.39 -24.85 -17.38
N ILE A 45 21.42 -24.58 -16.49
CA ILE A 45 21.39 -23.35 -15.64
C ILE A 45 22.12 -23.57 -14.28
N THR A 46 23.03 -22.69 -13.89
CA THR A 46 23.68 -22.85 -12.59
C THR A 46 23.10 -21.86 -11.60
N ILE A 47 22.45 -22.35 -10.56
CA ILE A 47 21.90 -21.42 -9.53
C ILE A 47 22.82 -21.29 -8.34
N PRO A 48 23.24 -20.04 -7.97
CA PRO A 48 24.19 -19.90 -6.84
C PRO A 48 23.66 -20.49 -5.55
N LYS A 49 24.54 -21.15 -4.78
CA LYS A 49 24.00 -21.97 -3.65
C LYS A 49 23.50 -21.10 -2.50
N GLN A 50 24.02 -19.88 -2.43
CA GLN A 50 23.74 -18.95 -1.34
C GLN A 50 22.34 -18.23 -1.58
N TRP A 51 21.83 -18.28 -2.79
CA TRP A 51 20.52 -17.66 -3.07
C TRP A 51 19.37 -18.57 -2.72
N PRO A 52 18.39 -18.06 -2.02
CA PRO A 52 17.23 -18.91 -1.70
C PRO A 52 16.24 -19.05 -2.93
N VAL A 53 16.50 -20.04 -3.81
CA VAL A 53 15.67 -20.25 -4.98
C VAL A 53 14.96 -21.57 -4.92
N LYS A 54 13.65 -21.55 -5.08
CA LYS A 54 12.88 -22.76 -5.22
C LYS A 54 12.55 -23.01 -6.72
N VAL A 55 12.80 -24.22 -7.20
CA VAL A 55 12.67 -24.59 -8.66
C VAL A 55 11.53 -25.57 -8.77
N ILE A 56 10.53 -25.24 -9.58
CA ILE A 56 9.39 -26.12 -9.86
C ILE A 56 9.31 -26.34 -11.33
N ASN A 57 9.14 -27.61 -11.73
CA ASN A 57 8.99 -28.05 -13.11
C ASN A 57 7.56 -28.36 -13.38
N PHE A 58 6.96 -27.73 -14.39
CA PHE A 58 5.52 -27.83 -14.58
C PHE A 58 5.15 -28.66 -15.78
N ASP A 59 6.15 -29.18 -16.44
CA ASP A 59 5.92 -30.10 -17.53
C ASP A 59 4.98 -29.57 -18.61
N GLY A 60 5.14 -28.29 -18.93
CA GLY A 60 4.44 -27.65 -20.02
C GLY A 60 3.00 -27.27 -19.77
N ALA A 61 2.59 -27.28 -18.52
CA ALA A 61 1.23 -26.88 -18.10
C ALA A 61 0.99 -25.40 -18.45
N ILE A 62 -0.27 -25.07 -18.69
CA ILE A 62 -0.63 -23.71 -19.00
C ILE A 62 -0.48 -22.81 -17.79
N LEU A 63 0.06 -21.62 -18.01
CA LEU A 63 0.23 -20.59 -17.00
C LEU A 63 -0.47 -19.33 -17.49
N THR A 64 -1.31 -18.71 -16.64
CA THR A 64 -2.08 -17.55 -17.04
C THR A 64 -1.97 -16.51 -15.94
N PRO A 65 -2.29 -15.25 -16.26
CA PRO A 65 -2.38 -14.32 -15.13
C PRO A 65 -3.54 -14.72 -14.23
N GLY A 66 -3.50 -14.22 -12.99
CA GLY A 66 -4.60 -14.42 -12.08
C GLY A 66 -5.79 -13.62 -12.50
N PHE A 67 -6.96 -14.15 -12.21
CA PHE A 67 -8.23 -13.46 -12.57
C PHE A 67 -8.39 -12.21 -11.69
N ILE A 68 -8.90 -11.14 -12.28
CA ILE A 68 -9.19 -9.85 -11.57
C ILE A 68 -10.73 -9.75 -11.63
N ASP A 69 -11.34 -9.86 -10.45
CA ASP A 69 -12.82 -9.91 -10.33
C ASP A 69 -13.31 -8.55 -9.89
N SER A 70 -13.88 -7.80 -10.83
CA SER A 70 -14.17 -6.44 -10.58
C SER A 70 -15.43 -6.21 -9.79
N HIS A 71 -16.11 -7.28 -9.42
CA HIS A 71 -17.49 -7.18 -8.91
C HIS A 71 -17.76 -8.26 -7.93
N ALA A 72 -17.39 -8.03 -6.70
CA ALA A 72 -17.67 -9.04 -5.66
C ALA A 72 -18.16 -8.40 -4.38
N HIS A 73 -19.11 -9.06 -3.72
CA HIS A 73 -19.70 -8.55 -2.50
C HIS A 73 -18.95 -9.19 -1.39
N ILE A 74 -17.74 -8.69 -1.17
CA ILE A 74 -16.77 -9.29 -0.25
C ILE A 74 -17.32 -9.37 1.21
N THR A 75 -18.20 -8.44 1.58
CA THR A 75 -18.81 -8.46 2.89
C THR A 75 -20.00 -9.39 2.92
N GLY A 76 -20.33 -10.02 1.79
CA GLY A 76 -21.64 -10.62 1.61
C GLY A 76 -22.61 -9.54 1.13
N GLY A 77 -23.54 -9.93 0.27
CA GLY A 77 -24.62 -9.10 -0.26
C GLY A 77 -25.93 -9.66 0.28
N GLY A 78 -26.93 -9.86 -0.56
CA GLY A 78 -28.21 -10.23 -0.11
C GLY A 78 -28.93 -9.17 0.72
N GLY A 79 -29.94 -9.63 1.44
CA GLY A 79 -30.84 -8.73 2.23
C GLY A 79 -32.10 -8.24 1.55
N GLU A 80 -32.32 -8.60 0.29
CA GLU A 80 -33.45 -8.18 -0.44
C GLU A 80 -34.64 -9.01 -0.24
N ALA A 81 -34.54 -10.06 0.57
CA ALA A 81 -35.72 -10.83 0.93
C ALA A 81 -35.77 -10.99 2.44
N GLY A 82 -35.54 -9.90 3.17
CA GLY A 82 -35.54 -9.97 4.59
C GLY A 82 -34.14 -10.04 5.22
N PHE A 83 -34.10 -9.73 6.51
CA PHE A 83 -32.84 -9.60 7.21
C PHE A 83 -32.13 -10.92 7.34
N ALA A 84 -32.85 -12.04 7.33
CA ALA A 84 -32.17 -13.34 7.40
C ALA A 84 -31.39 -13.70 6.12
N THR A 85 -31.55 -12.91 5.04
CA THR A 85 -30.90 -13.15 3.78
C THR A 85 -29.59 -12.42 3.61
N GLN A 86 -29.07 -11.77 4.65
CA GLN A 86 -27.76 -11.23 4.60
C GLN A 86 -26.69 -12.33 4.50
N VAL A 87 -25.95 -12.32 3.41
CA VAL A 87 -24.91 -13.27 3.17
C VAL A 87 -23.69 -12.95 4.06
N PRO A 88 -23.06 -13.99 4.60
CA PRO A 88 -21.89 -13.71 5.42
C PRO A 88 -20.67 -13.35 4.51
N PRO A 89 -19.65 -12.80 5.11
CA PRO A 89 -18.45 -12.40 4.31
C PRO A 89 -17.80 -13.59 3.60
N VAL A 90 -17.32 -13.31 2.39
CA VAL A 90 -16.78 -14.32 1.53
C VAL A 90 -15.37 -14.73 1.98
N GLY A 91 -15.16 -16.02 2.22
CA GLY A 91 -13.86 -16.50 2.64
C GLY A 91 -12.76 -16.36 1.61
N LEU A 92 -11.53 -16.19 2.07
CA LEU A 92 -10.34 -16.05 1.21
C LEU A 92 -10.27 -17.07 0.10
N THR A 93 -10.48 -18.34 0.48
CA THR A 93 -10.32 -19.47 -0.45
C THR A 93 -11.40 -19.44 -1.49
N GLU A 94 -12.59 -18.91 -1.21
CA GLU A 94 -13.57 -18.76 -2.25
C GLU A 94 -13.09 -17.91 -3.45
N PHE A 95 -12.18 -16.98 -3.21
CA PHE A 95 -11.56 -16.23 -4.30
C PHE A 95 -10.37 -17.01 -4.86
N THR A 96 -9.43 -17.37 -4.00
CA THR A 96 -8.10 -17.84 -4.47
C THR A 96 -8.31 -19.17 -5.19
N HIS A 97 -9.22 -20.02 -4.69
CA HIS A 97 -9.41 -21.32 -5.31
C HIS A 97 -10.10 -21.27 -6.66
N ALA A 98 -10.81 -20.17 -6.91
CA ALA A 98 -11.42 -19.88 -8.19
C ALA A 98 -10.46 -19.18 -9.17
N GLY A 99 -9.23 -18.99 -8.78
CA GLY A 99 -8.25 -18.28 -9.61
C GLY A 99 -8.27 -16.76 -9.46
N VAL A 100 -9.04 -16.25 -8.52
CA VAL A 100 -9.09 -14.80 -8.29
C VAL A 100 -7.95 -14.39 -7.40
N THR A 101 -7.03 -13.59 -7.92
CA THR A 101 -5.94 -13.07 -7.17
C THR A 101 -6.10 -11.58 -6.84
N THR A 102 -6.99 -10.88 -7.55
CA THR A 102 -7.35 -9.47 -7.25
C THR A 102 -8.88 -9.39 -7.23
N VAL A 103 -9.43 -8.79 -6.17
CA VAL A 103 -10.86 -8.64 -6.03
C VAL A 103 -11.19 -7.12 -5.83
N VAL A 104 -12.30 -6.64 -6.43
CA VAL A 104 -12.80 -5.33 -6.19
C VAL A 104 -14.17 -5.49 -5.55
N GLY A 105 -14.24 -5.07 -4.29
CA GLY A 105 -15.47 -5.22 -3.51
C GLY A 105 -16.45 -4.09 -3.62
N LEU A 106 -17.72 -4.37 -3.38
CA LEU A 106 -18.75 -3.35 -3.46
C LEU A 106 -19.91 -3.73 -2.61
N LEU A 107 -20.67 -2.72 -2.26
CA LEU A 107 -22.02 -2.86 -1.80
C LEU A 107 -23.02 -2.79 -2.97
N GLY A 108 -24.14 -3.47 -2.77
CA GLY A 108 -25.23 -3.57 -3.71
C GLY A 108 -26.52 -3.07 -3.11
N THR A 109 -27.62 -3.81 -3.25
CA THR A 109 -28.88 -3.21 -2.91
C THR A 109 -28.94 -2.74 -1.45
N ASP A 110 -28.41 -3.55 -0.56
CA ASP A 110 -28.40 -3.18 0.83
C ASP A 110 -27.17 -2.32 1.12
N ASP A 111 -27.32 -0.99 0.98
CA ASP A 111 -26.39 -0.02 1.48
C ASP A 111 -27.05 0.80 2.61
N THR A 112 -28.05 0.19 3.26
CA THR A 112 -28.73 0.73 4.39
C THR A 112 -28.20 0.11 5.69
N THR A 113 -28.06 -1.19 5.75
CA THR A 113 -27.49 -1.83 6.93
C THR A 113 -26.01 -2.09 6.86
N ARG A 114 -25.44 -2.07 5.66
CA ARG A 114 -23.99 -2.22 5.49
C ARG A 114 -23.41 -0.86 5.18
N SER A 115 -22.17 -0.72 5.53
CA SER A 115 -21.45 0.56 5.38
C SER A 115 -20.15 0.43 4.59
N THR A 116 -19.64 1.55 4.11
CA THR A 116 -18.35 1.56 3.48
C THR A 116 -17.25 1.17 4.46
N GLU A 117 -17.44 1.46 5.78
CA GLU A 117 -16.48 1.07 6.80
C GLU A 117 -16.40 -0.42 6.83
N ASN A 118 -17.55 -1.09 6.73
CA ASN A 118 -17.56 -2.57 6.64
C ASN A 118 -16.73 -3.04 5.44
N LEU A 119 -17.03 -2.46 4.28
CA LEU A 119 -16.42 -2.81 2.98
C LEU A 119 -14.90 -2.63 3.01
N LEU A 120 -14.44 -1.44 3.43
CA LEU A 120 -13.04 -1.15 3.45
C LEU A 120 -12.31 -1.93 4.48
N SER A 121 -12.93 -2.20 5.63
CA SER A 121 -12.35 -3.12 6.60
C SER A 121 -12.08 -4.45 6.03
N ARG A 122 -13.05 -4.98 5.32
CA ARG A 122 -12.82 -6.27 4.70
C ARG A 122 -11.76 -6.28 3.56
N VAL A 123 -11.66 -5.23 2.79
CA VAL A 123 -10.54 -5.06 1.89
C VAL A 123 -9.19 -5.19 2.62
N TYR A 124 -9.01 -4.48 3.75
CA TYR A 124 -7.77 -4.60 4.46
C TYR A 124 -7.57 -6.00 4.99
N GLY A 125 -8.64 -6.62 5.43
CA GLY A 125 -8.53 -8.01 5.94
C GLY A 125 -8.07 -8.97 4.86
N LEU A 126 -8.63 -8.84 3.68
CA LEU A 126 -8.20 -9.69 2.57
C LEU A 126 -6.73 -9.43 2.23
N ARG A 127 -6.35 -8.18 2.23
CA ARG A 127 -4.98 -7.80 1.98
C ARG A 127 -4.05 -8.42 3.04
N GLU A 128 -4.46 -8.47 4.27
CA GLU A 128 -3.64 -9.02 5.37
C GLU A 128 -3.48 -10.51 5.12
N GLU A 129 -4.46 -11.15 4.50
CA GLU A 129 -4.42 -12.64 4.22
C GLU A 129 -3.72 -13.01 2.94
N GLY A 130 -3.28 -12.01 2.19
CA GLY A 130 -2.47 -12.19 0.97
C GLY A 130 -3.10 -11.90 -0.38
N LEU A 131 -4.38 -11.52 -0.39
CA LEU A 131 -5.09 -11.26 -1.66
C LEU A 131 -4.86 -9.82 -2.01
N SER A 132 -4.91 -9.47 -3.27
CA SER A 132 -4.95 -8.04 -3.63
C SER A 132 -6.42 -7.67 -3.63
N ALA A 133 -6.72 -6.51 -3.08
CA ALA A 133 -8.11 -6.15 -2.90
C ALA A 133 -8.25 -4.66 -2.96
N TYR A 134 -9.36 -4.25 -3.60
CA TYR A 134 -9.73 -2.83 -3.78
C TYR A 134 -11.23 -2.76 -3.56
N CYS A 135 -11.81 -1.57 -3.59
CA CYS A 135 -13.21 -1.49 -3.57
C CYS A 135 -13.76 -0.27 -4.25
N TRP A 136 -15.03 -0.35 -4.52
CA TRP A 136 -15.86 0.75 -5.01
C TRP A 136 -16.56 1.42 -3.82
N THR A 137 -16.65 2.74 -3.85
CA THR A 137 -17.41 3.44 -2.86
C THR A 137 -18.77 3.76 -3.43
N GLY A 138 -19.61 4.28 -2.56
CA GLY A 138 -20.86 4.89 -2.96
C GLY A 138 -22.05 4.02 -2.90
N GLY A 139 -21.93 2.81 -3.42
CA GLY A 139 -23.00 1.86 -3.50
C GLY A 139 -24.09 2.08 -4.55
N TYR A 140 -25.23 1.56 -4.24
CA TYR A 140 -26.28 1.32 -5.17
C TYR A 140 -27.21 2.54 -5.33
N HIS A 141 -27.40 3.27 -4.21
CA HIS A 141 -28.39 4.28 -4.08
C HIS A 141 -27.79 5.66 -4.03
N PHE A 142 -28.68 6.66 -4.19
CA PHE A 142 -28.37 8.07 -4.09
C PHE A 142 -29.30 8.65 -3.07
N PRO A 143 -28.81 9.37 -2.06
CA PRO A 143 -27.43 9.67 -1.77
C PRO A 143 -26.54 8.44 -1.54
N LEU A 144 -25.29 8.62 -1.87
CA LEU A 144 -24.29 7.59 -1.79
C LEU A 144 -23.93 7.24 -0.36
N THR A 145 -23.50 6.03 -0.18
CA THR A 145 -22.88 5.58 1.08
C THR A 145 -21.39 5.66 0.97
N THR A 146 -20.76 6.41 1.86
CA THR A 146 -19.30 6.68 1.75
C THR A 146 -18.73 6.69 3.17
N ILE A 147 -17.41 6.72 3.29
CA ILE A 147 -16.81 6.96 4.62
C ILE A 147 -16.76 8.45 4.91
N THR A 148 -16.25 9.25 3.97
CA THR A 148 -15.94 10.68 4.22
C THR A 148 -17.06 11.66 3.95
N GLY A 149 -18.16 11.21 3.35
CA GLY A 149 -19.24 12.13 3.04
C GLY A 149 -19.31 12.44 1.56
N SER A 150 -18.26 12.16 0.79
CA SER A 150 -18.36 12.36 -0.63
C SER A 150 -17.54 11.31 -1.36
N ALA A 151 -17.99 10.96 -2.53
CA ALA A 151 -17.21 10.05 -3.39
C ALA A 151 -15.86 10.60 -3.74
N LYS A 152 -15.82 11.86 -4.09
CA LYS A 152 -14.59 12.53 -4.41
C LYS A 152 -13.52 12.40 -3.33
N SER A 153 -13.90 12.68 -2.09
CA SER A 153 -12.97 12.54 -0.97
C SER A 153 -12.62 11.10 -0.63
N ASP A 154 -13.61 10.21 -0.74
CA ASP A 154 -13.33 8.79 -0.55
C ASP A 154 -12.26 8.30 -1.53
N ILE A 155 -12.43 8.59 -2.83
CA ILE A 155 -11.52 8.07 -3.84
C ILE A 155 -10.16 8.71 -3.66
N ALA A 156 -10.16 10.01 -3.34
CA ALA A 156 -8.90 10.72 -3.16
C ALA A 156 -8.01 10.23 -2.02
N PHE A 157 -8.62 9.96 -0.87
CA PHE A 157 -7.91 9.71 0.37
C PHE A 157 -7.88 8.29 0.87
N LEU A 158 -8.73 7.39 0.34
CA LEU A 158 -8.73 5.96 0.83
C LEU A 158 -8.03 5.20 -0.33
N GLU A 159 -6.77 4.77 -0.16
CA GLU A 159 -6.03 4.19 -1.28
C GLU A 159 -6.75 3.05 -2.04
N PRO A 160 -7.42 2.12 -1.31
CA PRO A 160 -8.06 1.04 -2.08
C PRO A 160 -9.32 1.36 -2.78
N VAL A 161 -9.89 2.54 -2.56
CA VAL A 161 -11.14 2.95 -3.22
C VAL A 161 -10.86 3.48 -4.62
N ILE A 162 -11.42 2.85 -5.64
CA ILE A 162 -10.99 3.14 -7.06
C ILE A 162 -12.02 3.86 -7.84
N GLY A 163 -13.24 3.97 -7.32
CA GLY A 163 -14.37 4.54 -8.11
C GLY A 163 -15.66 4.34 -7.36
N ILE A 164 -16.78 4.61 -8.03
CA ILE A 164 -18.11 4.48 -7.49
C ILE A 164 -18.78 3.24 -8.04
N GLY A 165 -19.37 2.43 -7.18
CA GLY A 165 -20.10 1.25 -7.64
C GLY A 165 -20.77 0.55 -6.50
N GLU A 166 -21.67 -0.37 -6.77
CA GLU A 166 -22.35 -0.58 -8.10
C GLU A 166 -23.56 0.32 -8.09
N PHE A 167 -23.50 1.39 -8.85
CA PHE A 167 -24.58 2.41 -8.82
C PHE A 167 -25.70 1.98 -9.73
N ALA A 168 -26.92 1.94 -9.22
CA ALA A 168 -28.04 1.36 -9.97
C ALA A 168 -28.78 2.29 -10.92
N ILE A 169 -28.96 1.81 -12.17
CA ILE A 169 -29.80 2.47 -13.19
C ILE A 169 -30.69 1.43 -13.88
N SER A 170 -31.87 1.86 -14.28
CA SER A 170 -32.82 1.03 -14.98
C SER A 170 -33.18 -0.25 -14.20
N ASP A 171 -33.51 -0.05 -12.92
CA ASP A 171 -33.83 -1.14 -12.02
C ASP A 171 -34.89 -0.67 -11.02
N HIS A 172 -35.87 -1.53 -10.71
CA HIS A 172 -36.90 -1.15 -9.75
C HIS A 172 -36.34 -0.87 -8.35
N ARG A 173 -35.13 -1.31 -8.08
CA ARG A 173 -34.48 -1.03 -6.77
C ARG A 173 -33.54 0.18 -6.77
N SER A 174 -33.42 0.86 -7.88
CA SER A 174 -32.55 1.99 -7.97
C SER A 174 -33.12 3.17 -7.21
N SER A 175 -32.33 4.23 -7.12
CA SER A 175 -32.85 5.49 -6.58
C SER A 175 -33.54 6.36 -7.59
N GLN A 176 -33.85 5.84 -8.80
CA GLN A 176 -34.39 6.71 -9.87
C GLN A 176 -33.52 7.94 -10.10
N PRO A 177 -32.22 7.69 -10.32
CA PRO A 177 -31.32 8.82 -10.46
C PRO A 177 -31.60 9.68 -11.73
N THR A 178 -31.43 10.99 -11.62
CA THR A 178 -31.55 11.89 -12.75
C THR A 178 -30.28 11.92 -13.54
N PHE A 179 -30.37 12.39 -14.78
CA PHE A 179 -29.20 12.59 -15.62
C PHE A 179 -28.26 13.51 -14.89
N GLU A 180 -28.79 14.59 -14.30
CA GLU A 180 -27.85 15.55 -13.61
C GLU A 180 -27.11 14.88 -12.44
N GLU A 181 -27.77 13.95 -11.73
CA GLU A 181 -27.16 13.31 -10.57
C GLU A 181 -26.05 12.40 -11.10
N VAL A 182 -26.37 11.65 -12.14
CA VAL A 182 -25.42 10.68 -12.66
C VAL A 182 -24.11 11.38 -13.19
N ILE A 183 -24.26 12.44 -13.98
CA ILE A 183 -23.10 13.12 -14.56
C ILE A 183 -22.29 13.81 -13.48
N ARG A 184 -22.93 14.26 -12.41
CA ARG A 184 -22.17 14.84 -11.28
C ARG A 184 -21.33 13.71 -10.60
N LEU A 185 -21.94 12.56 -10.36
CA LEU A 185 -21.18 11.43 -9.79
C LEU A 185 -20.03 11.04 -10.70
N ALA A 186 -20.31 10.98 -12.00
CA ALA A 186 -19.25 10.65 -13.01
C ALA A 186 -18.11 11.66 -12.98
N SER A 187 -18.42 12.95 -12.84
CA SER A 187 -17.39 14.00 -12.71
C SER A 187 -16.52 13.79 -11.52
N GLU A 188 -17.15 13.35 -10.41
CA GLU A 188 -16.43 13.12 -9.17
C GLU A 188 -15.43 12.01 -9.31
N THR A 189 -15.88 10.86 -9.80
CA THR A 189 -14.96 9.76 -9.96
C THR A 189 -13.92 9.98 -10.98
N HIS A 190 -14.27 10.58 -12.11
CA HIS A 190 -13.30 10.95 -13.13
C HIS A 190 -12.16 11.85 -12.64
N VAL A 191 -12.52 12.93 -11.97
CA VAL A 191 -11.53 13.84 -11.44
C VAL A 191 -10.67 13.19 -10.34
N ALA A 192 -11.33 12.41 -9.48
CA ALA A 192 -10.55 11.72 -8.46
C ALA A 192 -9.58 10.74 -9.04
N GLY A 193 -9.94 10.11 -10.17
CA GLY A 193 -9.00 9.33 -10.89
C GLY A 193 -7.79 10.07 -11.43
N LEU A 194 -7.96 11.30 -11.87
CA LEU A 194 -6.83 12.09 -12.29
C LEU A 194 -5.93 12.43 -11.13
N ILE A 195 -6.52 12.81 -10.00
CA ILE A 195 -5.78 13.22 -8.78
C ILE A 195 -4.92 12.04 -8.27
N THR A 196 -5.48 10.86 -8.41
CA THR A 196 -4.89 9.67 -7.77
C THR A 196 -4.15 8.68 -8.65
N GLY A 197 -4.42 8.70 -9.93
CA GLY A 197 -4.07 7.71 -10.90
C GLY A 197 -4.89 6.46 -10.91
N LYS A 198 -5.97 6.41 -10.12
CA LYS A 198 -6.80 5.27 -10.04
C LYS A 198 -7.88 5.21 -11.12
N ALA A 199 -8.68 4.17 -11.08
CA ALA A 199 -9.60 3.86 -12.18
C ALA A 199 -10.44 5.08 -12.53
N GLY A 200 -11.07 5.67 -11.51
CA GLY A 200 -11.88 6.88 -11.78
C GLY A 200 -13.09 6.56 -12.68
N VAL A 201 -13.68 5.43 -12.40
CA VAL A 201 -14.87 4.98 -13.12
C VAL A 201 -16.08 4.90 -12.24
N ILE A 202 -17.24 4.98 -12.87
CA ILE A 202 -18.51 4.60 -12.23
C ILE A 202 -18.99 3.28 -12.84
N HIS A 203 -19.08 2.27 -11.97
CA HIS A 203 -19.52 0.93 -12.28
C HIS A 203 -21.00 0.81 -11.99
N PHE A 204 -21.80 0.68 -13.02
CA PHE A 204 -23.22 0.72 -12.94
C PHE A 204 -23.86 -0.66 -12.88
N HIS A 205 -24.67 -0.91 -11.83
CA HIS A 205 -25.63 -1.99 -11.87
C HIS A 205 -26.73 -1.72 -12.83
N LEU A 206 -26.93 -2.61 -13.81
CA LEU A 206 -28.08 -2.49 -14.69
C LEU A 206 -29.10 -3.50 -14.27
N GLY A 207 -30.34 -3.04 -14.25
CA GLY A 207 -31.53 -3.85 -14.08
C GLY A 207 -32.19 -4.16 -15.41
N ASP A 208 -33.44 -4.58 -15.34
CA ASP A 208 -34.23 -4.96 -16.56
C ASP A 208 -35.13 -3.87 -17.08
N GLY A 209 -34.94 -2.64 -16.66
CA GLY A 209 -35.70 -1.55 -17.19
C GLY A 209 -35.51 -1.29 -18.67
N GLU A 210 -36.61 -0.97 -19.33
CA GLU A 210 -36.55 -0.71 -20.82
C GLU A 210 -35.77 0.52 -21.22
N ARG A 211 -35.48 1.42 -20.26
CA ARG A 211 -34.65 2.57 -20.56
C ARG A 211 -33.19 2.19 -20.75
N ARG A 212 -32.84 1.00 -20.29
CA ARG A 212 -31.54 0.40 -20.59
C ARG A 212 -30.41 1.34 -20.31
N LEU A 213 -29.59 1.63 -21.32
CA LEU A 213 -28.43 2.49 -21.09
C LEU A 213 -28.61 3.95 -21.39
N GLU A 214 -29.82 4.44 -21.50
CA GLU A 214 -30.10 5.83 -21.94
C GLU A 214 -29.31 6.91 -21.27
N LEU A 215 -29.16 6.78 -19.95
CA LEU A 215 -28.50 7.78 -19.17
C LEU A 215 -27.01 7.86 -19.56
N ILE A 216 -26.40 6.71 -19.79
CA ILE A 216 -25.00 6.70 -20.14
C ILE A 216 -24.80 7.22 -21.57
N GLU A 217 -25.67 6.73 -22.48
CA GLU A 217 -25.69 7.23 -23.86
C GLU A 217 -25.79 8.77 -23.92
N ARG A 218 -26.71 9.35 -23.17
CA ARG A 218 -26.86 10.79 -23.13
C ARG A 218 -25.61 11.49 -22.55
N ALA A 219 -25.05 10.95 -21.46
CA ALA A 219 -23.86 11.52 -20.87
C ALA A 219 -22.71 11.63 -21.87
N ILE A 220 -22.50 10.56 -22.61
CA ILE A 220 -21.37 10.50 -23.55
C ILE A 220 -21.69 11.46 -24.72
N ARG A 221 -22.93 11.54 -25.17
CA ARG A 221 -23.28 12.37 -26.31
C ARG A 221 -23.26 13.83 -25.93
N GLU A 222 -23.74 14.16 -24.76
CA GLU A 222 -23.93 15.60 -24.39
C GLU A 222 -22.79 16.32 -23.66
N THR A 223 -21.92 15.56 -23.03
CA THR A 223 -20.93 16.05 -22.09
C THR A 223 -19.53 15.72 -22.58
N GLU A 224 -18.53 16.24 -21.92
CA GLU A 224 -17.14 15.97 -22.25
C GLU A 224 -16.59 14.73 -21.53
N LEU A 225 -17.40 14.11 -20.68
CA LEU A 225 -16.85 13.01 -19.85
C LEU A 225 -16.40 11.89 -20.79
N PRO A 226 -15.19 11.38 -20.62
CA PRO A 226 -14.83 10.32 -21.50
C PRO A 226 -15.69 9.08 -21.35
N ALA A 227 -15.88 8.39 -22.45
CA ALA A 227 -16.71 7.19 -22.41
C ALA A 227 -16.18 6.11 -21.45
N ARG A 228 -14.86 6.03 -21.24
CA ARG A 228 -14.37 4.98 -20.36
C ARG A 228 -14.82 5.13 -18.93
N VAL A 229 -15.30 6.32 -18.53
CA VAL A 229 -15.74 6.57 -17.15
C VAL A 229 -16.98 5.73 -16.85
N PHE A 230 -17.77 5.38 -17.87
CA PHE A 230 -19.06 4.72 -17.69
C PHE A 230 -18.89 3.23 -17.93
N ASN A 231 -19.12 2.43 -16.90
CA ASN A 231 -18.82 0.94 -16.97
C ASN A 231 -20.02 0.12 -16.52
N PRO A 232 -20.96 -0.15 -17.43
CA PRO A 232 -22.16 -0.91 -17.05
C PRO A 232 -21.81 -2.41 -16.87
N THR A 233 -22.40 -2.99 -15.85
CA THR A 233 -22.34 -4.45 -15.64
C THR A 233 -23.71 -5.14 -15.74
N HIS A 234 -23.68 -6.46 -15.65
CA HIS A 234 -24.86 -7.28 -15.85
C HIS A 234 -25.39 -7.17 -17.28
N VAL A 235 -24.57 -6.85 -18.26
CA VAL A 235 -25.14 -6.42 -19.53
C VAL A 235 -25.76 -7.60 -20.33
N ASN A 236 -25.49 -8.83 -19.93
CA ASN A 236 -26.06 -10.03 -20.56
C ASN A 236 -27.39 -10.42 -19.87
N ARG A 237 -27.86 -9.59 -18.89
CA ARG A 237 -29.07 -10.03 -18.13
C ARG A 237 -30.37 -10.06 -18.93
N ASN A 238 -30.49 -9.27 -19.99
CA ASN A 238 -31.61 -9.44 -20.89
C ASN A 238 -31.12 -9.15 -22.28
N LYS A 239 -31.81 -9.67 -23.28
CA LYS A 239 -31.30 -9.53 -24.65
C LYS A 239 -31.27 -8.14 -25.26
N PRO A 240 -32.33 -7.35 -25.11
CA PRO A 240 -32.23 -5.99 -25.58
C PRO A 240 -31.11 -5.17 -24.93
N LEU A 241 -30.84 -5.42 -23.67
CA LEU A 241 -29.76 -4.71 -22.99
C LEU A 241 -28.40 -5.11 -23.57
N PHE A 242 -28.23 -6.38 -23.86
CA PHE A 242 -26.98 -6.83 -24.41
C PHE A 242 -26.74 -6.18 -25.76
N GLU A 243 -27.79 -6.17 -26.53
CA GLU A 243 -27.70 -5.54 -27.84
C GLU A 243 -27.26 -4.05 -27.73
N ASP A 244 -27.87 -3.30 -26.80
CA ASP A 244 -27.53 -1.91 -26.59
C ASP A 244 -26.10 -1.79 -26.08
N SER A 245 -25.70 -2.68 -25.18
CA SER A 245 -24.31 -2.71 -24.64
C SER A 245 -23.25 -2.92 -25.74
N CYS A 246 -23.57 -3.80 -26.67
CA CYS A 246 -22.70 -4.04 -27.87
C CYS A 246 -22.49 -2.74 -28.70
N LYS A 247 -23.57 -1.96 -28.85
CA LYS A 247 -23.55 -0.71 -29.57
C LYS A 247 -22.71 0.31 -28.80
N LEU A 248 -22.82 0.28 -27.49
CA LEU A 248 -22.10 1.23 -26.67
C LEU A 248 -20.57 1.04 -26.76
N LEU A 249 -20.14 -0.18 -27.13
CA LEU A 249 -18.69 -0.41 -27.38
C LEU A 249 -18.08 0.53 -28.35
N SER A 250 -18.87 0.95 -29.32
CA SER A 250 -18.40 1.85 -30.35
C SER A 250 -18.06 3.22 -29.81
N LYS A 251 -18.65 3.55 -28.67
CA LYS A 251 -18.30 4.80 -28.00
C LYS A 251 -17.05 4.79 -27.25
N GLY A 252 -16.50 3.62 -26.94
CA GLY A 252 -15.32 3.53 -26.13
C GLY A 252 -15.51 3.05 -24.68
N CYS A 253 -16.72 2.61 -24.27
CA CYS A 253 -16.91 2.06 -22.95
C CYS A 253 -16.41 0.62 -22.88
N HIS A 254 -15.95 0.23 -21.72
CA HIS A 254 -15.84 -1.15 -21.32
C HIS A 254 -17.19 -1.57 -20.81
N ILE A 255 -17.58 -2.81 -21.13
CA ILE A 255 -18.81 -3.36 -20.61
C ILE A 255 -18.42 -4.64 -19.87
N ASP A 256 -19.22 -4.99 -18.88
CA ASP A 256 -18.90 -6.13 -18.01
C ASP A 256 -20.04 -7.11 -18.05
N LEU A 257 -19.73 -8.32 -18.46
CA LEU A 257 -20.71 -9.43 -18.36
C LEU A 257 -20.69 -10.05 -16.97
N THR A 258 -21.81 -10.62 -16.56
CA THR A 258 -21.91 -11.34 -15.32
C THR A 258 -21.94 -12.88 -15.60
N ALA A 259 -21.04 -13.56 -14.97
CA ALA A 259 -20.92 -15.03 -15.06
C ALA A 259 -21.95 -15.65 -14.16
N PHE A 260 -23.18 -15.67 -14.64
CA PHE A 260 -24.31 -16.34 -13.96
C PHE A 260 -24.05 -17.84 -13.82
N PRO A 261 -24.48 -18.42 -12.70
CA PRO A 261 -24.41 -19.91 -12.62
C PRO A 261 -25.01 -20.57 -13.87
N ALA A 262 -24.40 -21.64 -14.36
CA ALA A 262 -24.83 -22.26 -15.64
C ALA A 262 -26.31 -22.60 -15.53
N GLY A 263 -27.06 -22.33 -16.61
CA GLY A 263 -28.51 -22.57 -16.64
C GLY A 263 -29.40 -21.55 -15.91
N THR A 264 -28.85 -20.40 -15.50
CA THR A 264 -29.51 -19.37 -14.66
C THR A 264 -29.77 -17.99 -15.37
N ALA A 265 -29.26 -17.80 -16.60
CA ALA A 265 -29.20 -16.46 -17.30
C ALA A 265 -30.54 -15.87 -17.73
N GLN A 266 -31.58 -16.68 -17.64
CA GLN A 266 -32.94 -16.22 -17.20
C GLN A 266 -33.36 -15.74 -18.47
N PRO A 267 -33.90 -14.48 -18.62
CA PRO A 267 -34.26 -14.23 -20.01
C PRO A 267 -33.13 -13.62 -20.88
N GLY A 268 -31.94 -13.52 -20.33
CA GLY A 268 -30.80 -12.98 -21.06
C GLY A 268 -29.89 -14.08 -21.63
N TRP A 269 -28.63 -13.76 -21.77
CA TRP A 269 -27.62 -14.70 -22.28
C TRP A 269 -26.72 -15.25 -21.22
N GLU A 270 -26.47 -16.56 -21.26
CA GLU A 270 -25.35 -17.06 -20.52
C GLU A 270 -24.10 -16.29 -20.95
N ALA A 271 -23.17 -16.14 -20.03
CA ALA A 271 -22.01 -15.34 -20.39
C ALA A 271 -21.20 -15.99 -21.54
N CYS A 272 -21.10 -17.32 -21.56
CA CYS A 272 -20.34 -18.00 -22.61
C CYS A 272 -21.01 -17.72 -23.97
N ASP A 273 -22.35 -17.71 -24.02
CA ASP A 273 -23.04 -17.36 -25.25
C ASP A 273 -22.89 -15.91 -25.70
N ALA A 274 -22.96 -14.97 -24.77
CA ALA A 274 -22.69 -13.54 -25.05
C ALA A 274 -21.26 -13.32 -25.60
N ILE A 275 -20.29 -13.98 -25.02
CA ILE A 275 -18.92 -13.88 -25.50
C ILE A 275 -18.78 -14.45 -26.93
N GLU A 276 -19.42 -15.60 -27.16
CA GLU A 276 -19.46 -16.21 -28.54
C GLU A 276 -20.02 -15.23 -29.58
N MET A 277 -21.13 -14.55 -29.18
CA MET A 277 -21.76 -13.56 -30.01
C MET A 277 -20.84 -12.40 -30.26
N ALA A 278 -20.13 -11.93 -29.26
CA ALA A 278 -19.26 -10.76 -29.43
C ALA A 278 -18.12 -11.09 -30.37
N VAL A 279 -17.58 -12.30 -30.22
CA VAL A 279 -16.51 -12.78 -31.12
C VAL A 279 -16.93 -12.80 -32.57
N GLU A 280 -18.08 -13.40 -32.84
CA GLU A 280 -18.62 -13.54 -34.17
C GLU A 280 -18.88 -12.18 -34.81
N ARG A 281 -19.39 -11.27 -33.99
CA ARG A 281 -19.72 -9.91 -34.43
C ARG A 281 -18.56 -9.02 -34.66
N GLN A 282 -17.34 -9.45 -34.31
CA GLN A 282 -16.14 -8.64 -34.48
C GLN A 282 -16.13 -7.35 -33.64
N LEU A 283 -16.71 -7.43 -32.48
CA LEU A 283 -16.69 -6.35 -31.57
C LEU A 283 -15.29 -6.15 -30.95
N PRO A 284 -15.01 -4.97 -30.37
CA PRO A 284 -13.68 -4.72 -29.79
C PRO A 284 -13.59 -5.51 -28.50
N LEU A 285 -13.03 -6.68 -28.63
CA LEU A 285 -13.00 -7.60 -27.50
C LEU A 285 -12.23 -7.09 -26.32
N GLU A 286 -11.24 -6.19 -26.49
CA GLU A 286 -10.47 -5.68 -25.38
C GLU A 286 -11.34 -4.85 -24.37
N GLN A 287 -12.53 -4.47 -24.82
CA GLN A 287 -13.42 -3.65 -24.05
C GLN A 287 -14.44 -4.48 -23.30
N ILE A 288 -14.35 -5.79 -23.28
CA ILE A 288 -15.33 -6.63 -22.67
C ILE A 288 -14.68 -7.36 -21.49
N THR A 289 -15.36 -7.35 -20.35
CA THR A 289 -14.87 -8.08 -19.19
C THR A 289 -15.92 -8.98 -18.57
N LEU A 290 -15.45 -9.86 -17.69
CA LEU A 290 -16.29 -10.84 -17.02
C LEU A 290 -16.09 -10.75 -15.49
N SER A 291 -17.21 -10.67 -14.73
CA SER A 291 -17.15 -10.68 -13.28
C SER A 291 -18.16 -11.65 -12.69
N SER A 292 -17.97 -12.01 -11.43
CA SER A 292 -18.68 -13.05 -10.77
C SER A 292 -19.93 -12.64 -10.03
N ASP A 293 -20.04 -11.40 -9.55
CA ASP A 293 -21.05 -11.05 -8.55
C ASP A 293 -20.99 -11.98 -7.30
N GLY A 294 -19.80 -12.44 -6.90
CA GLY A 294 -19.67 -13.39 -5.85
C GLY A 294 -20.21 -12.78 -4.56
N GLY A 295 -20.91 -13.59 -3.77
CA GLY A 295 -21.40 -13.10 -2.48
C GLY A 295 -22.76 -12.42 -2.61
N GLY A 296 -23.23 -12.22 -3.85
CA GLY A 296 -24.36 -11.35 -4.17
C GLY A 296 -25.62 -12.09 -4.50
N GLY A 313 -24.08 -15.63 -6.12
CA GLY A 313 -22.92 -15.75 -6.97
C GLY A 313 -21.74 -16.33 -6.20
N ARG A 314 -20.80 -16.96 -6.93
CA ARG A 314 -19.59 -17.51 -6.38
C ARG A 314 -18.55 -17.32 -7.45
N ALA A 315 -17.35 -17.00 -7.02
CA ALA A 315 -16.30 -16.67 -7.91
C ALA A 315 -15.93 -17.83 -8.83
N SER A 316 -16.22 -19.06 -8.45
CA SER A 316 -15.96 -20.17 -9.37
C SER A 316 -16.73 -20.15 -10.66
N THR A 317 -17.79 -19.35 -10.79
CA THR A 317 -18.39 -19.29 -12.08
C THR A 317 -17.48 -18.64 -13.13
N LEU A 318 -16.43 -17.92 -12.71
CA LEU A 318 -15.55 -17.29 -13.70
C LEU A 318 -14.87 -18.39 -14.54
N GLY A 319 -14.22 -19.32 -13.86
CA GLY A 319 -13.64 -20.44 -14.56
C GLY A 319 -14.59 -21.34 -15.26
N GLU A 320 -15.77 -21.53 -14.71
CA GLU A 320 -16.79 -22.32 -15.38
C GLU A 320 -17.10 -21.66 -16.73
N THR A 321 -17.25 -20.31 -16.73
CA THR A 321 -17.60 -19.63 -17.97
C THR A 321 -16.45 -19.78 -18.97
N LEU A 322 -15.22 -19.65 -18.49
CA LEU A 322 -14.06 -19.81 -19.32
C LEU A 322 -14.10 -21.22 -19.99
N VAL A 323 -14.29 -22.27 -19.20
CA VAL A 323 -14.27 -23.58 -19.77
C VAL A 323 -15.41 -23.75 -20.76
N ALA A 324 -16.60 -23.22 -20.48
CA ALA A 324 -17.76 -23.31 -21.40
C ALA A 324 -17.44 -22.61 -22.72
N THR A 325 -16.67 -21.54 -22.68
CA THR A 325 -16.28 -20.86 -23.87
C THR A 325 -15.29 -21.68 -24.73
N LEU A 326 -14.29 -22.24 -24.07
CA LEU A 326 -13.30 -23.11 -24.72
C LEU A 326 -13.98 -24.32 -25.34
N ASN A 327 -14.94 -24.87 -24.63
CA ASN A 327 -15.80 -25.95 -25.14
C ASN A 327 -16.55 -25.61 -26.43
N LYS A 328 -16.80 -24.35 -26.70
CA LYS A 328 -17.45 -23.97 -27.94
C LYS A 328 -16.46 -23.87 -29.09
N GLY A 329 -15.16 -23.92 -28.78
CA GLY A 329 -14.13 -23.83 -29.77
C GLY A 329 -13.45 -22.50 -29.80
N LEU A 330 -13.75 -21.63 -28.80
CA LEU A 330 -13.00 -20.39 -28.73
C LEU A 330 -11.63 -20.71 -28.14
N SER A 331 -10.60 -19.97 -28.53
CA SER A 331 -9.28 -20.16 -27.99
C SER A 331 -9.10 -19.46 -26.67
N LEU A 332 -8.20 -19.99 -25.88
CA LEU A 332 -7.91 -19.38 -24.59
C LEU A 332 -7.49 -17.96 -24.78
N GLU A 333 -6.60 -17.64 -25.71
CA GLU A 333 -6.21 -16.28 -25.85
C GLU A 333 -7.27 -15.29 -26.30
N THR A 334 -8.38 -15.78 -26.84
CA THR A 334 -9.51 -14.92 -27.21
C THR A 334 -10.28 -14.47 -25.96
N VAL A 335 -10.42 -15.37 -25.00
CA VAL A 335 -11.38 -15.15 -23.85
C VAL A 335 -10.65 -14.71 -22.59
N LEU A 336 -9.45 -15.23 -22.40
CA LEU A 336 -8.72 -14.98 -21.21
C LEU A 336 -8.47 -13.46 -20.89
N PRO A 337 -8.22 -12.61 -21.91
CA PRO A 337 -8.20 -11.19 -21.56
C PRO A 337 -9.43 -10.62 -20.83
N MET A 338 -10.59 -11.26 -20.98
CA MET A 338 -11.83 -10.75 -20.40
C MET A 338 -11.80 -10.85 -18.86
N LEU A 339 -10.95 -11.76 -18.36
CA LEU A 339 -10.77 -12.02 -16.94
C LEU A 339 -9.54 -11.38 -16.37
N THR A 340 -8.68 -10.86 -17.23
CA THR A 340 -7.30 -10.45 -16.82
C THR A 340 -6.94 -9.09 -17.35
N SER A 341 -6.26 -9.00 -18.49
CA SER A 341 -5.74 -7.77 -18.96
C SER A 341 -6.78 -6.69 -19.31
N ASN A 342 -7.95 -7.10 -19.80
CA ASN A 342 -8.99 -6.14 -20.09
C ASN A 342 -9.46 -5.41 -18.79
N VAL A 343 -9.57 -6.15 -17.70
CA VAL A 343 -9.98 -5.61 -16.40
C VAL A 343 -8.91 -4.68 -15.87
N ALA A 344 -7.67 -5.11 -15.92
CA ALA A 344 -6.60 -4.28 -15.47
C ALA A 344 -6.46 -3.00 -16.30
N ASN A 345 -6.80 -3.03 -17.57
CA ASN A 345 -6.72 -1.84 -18.41
C ASN A 345 -7.79 -0.81 -17.92
N ILE A 346 -9.06 -1.23 -17.78
CA ILE A 346 -10.14 -0.24 -17.44
C ILE A 346 -9.89 0.27 -15.98
N LEU A 347 -9.41 -0.60 -15.07
CA LEU A 347 -9.26 -0.25 -13.68
C LEU A 347 -7.91 0.44 -13.35
N ARG A 348 -7.08 0.59 -14.38
CA ARG A 348 -5.77 1.22 -14.27
C ARG A 348 -4.88 0.49 -13.24
N PHE A 349 -4.97 -0.85 -13.23
CA PHE A 349 -4.09 -1.69 -12.37
C PHE A 349 -2.85 -2.01 -13.29
N LYS A 350 -1.89 -1.12 -13.22
CA LYS A 350 -0.71 -1.10 -14.15
C LYS A 350 0.20 -2.25 -13.98
N ASN A 351 0.11 -2.87 -12.84
CA ASN A 351 0.94 -3.98 -12.49
C ASN A 351 0.22 -5.31 -12.45
N LYS A 352 -0.99 -5.40 -13.01
CA LYS A 352 -1.76 -6.65 -13.01
C LYS A 352 -2.18 -7.11 -14.38
N GLY A 353 -2.67 -8.35 -14.50
CA GLY A 353 -3.41 -8.81 -15.65
C GLY A 353 -2.49 -9.37 -16.78
N GLN A 354 -1.16 -9.36 -16.60
CA GLN A 354 -0.25 -9.84 -17.66
C GLN A 354 0.87 -10.63 -17.06
N ILE A 355 1.34 -11.63 -17.81
CA ILE A 355 2.55 -12.30 -17.46
C ILE A 355 3.62 -11.65 -18.28
N ALA A 356 4.23 -10.71 -17.64
CA ALA A 356 5.24 -9.83 -18.25
C ALA A 356 6.17 -9.31 -17.19
N VAL A 357 7.41 -9.05 -17.62
CA VAL A 357 8.40 -8.60 -16.73
C VAL A 357 8.01 -7.29 -16.07
N GLY A 358 8.18 -7.24 -14.75
CA GLY A 358 7.85 -6.02 -13.96
C GLY A 358 6.45 -6.07 -13.38
N PHE A 359 5.62 -7.00 -13.81
CA PHE A 359 4.22 -7.05 -13.36
C PHE A 359 4.19 -7.92 -12.09
N ASP A 360 3.08 -7.83 -11.34
CA ASP A 360 2.94 -8.60 -10.14
C ASP A 360 2.87 -10.09 -10.45
N ALA A 361 3.45 -10.87 -9.55
CA ALA A 361 3.41 -12.34 -9.62
C ALA A 361 2.09 -12.90 -9.06
N ASP A 362 1.04 -12.73 -9.88
CA ASP A 362 -0.33 -13.24 -9.63
C ASP A 362 -0.51 -14.10 -10.89
N LEU A 363 -0.60 -15.40 -10.67
CA LEU A 363 -0.62 -16.33 -11.74
C LEU A 363 -1.29 -17.64 -11.39
N LEU A 364 -1.82 -18.35 -12.41
CA LEU A 364 -2.53 -19.60 -12.29
C LEU A 364 -1.82 -20.63 -13.13
N VAL A 365 -1.82 -21.85 -12.65
CA VAL A 365 -1.48 -23.00 -13.49
C VAL A 365 -2.76 -23.82 -13.67
N MET A 366 -3.00 -24.21 -14.92
CA MET A 366 -4.16 -24.94 -15.34
C MET A 366 -3.71 -26.27 -15.91
N ASN A 367 -4.55 -27.28 -15.74
CA ASN A 367 -4.28 -28.57 -16.42
C ASN A 367 -4.98 -28.56 -17.75
N GLU A 368 -4.90 -29.68 -18.48
CA GLU A 368 -5.36 -29.74 -19.84
C GLU A 368 -6.89 -29.56 -19.96
N LYS A 369 -7.64 -29.90 -18.92
CA LYS A 369 -9.09 -29.53 -18.96
C LYS A 369 -9.42 -28.18 -18.28
N TYR A 370 -8.39 -27.34 -18.14
CA TYR A 370 -8.50 -25.96 -17.63
C TYR A 370 -8.98 -25.90 -16.23
N GLU A 371 -8.69 -26.92 -15.43
CA GLU A 371 -8.96 -26.81 -13.97
C GLU A 371 -7.76 -26.04 -13.42
N ILE A 372 -7.99 -25.22 -12.42
CA ILE A 372 -6.94 -24.44 -11.86
C ILE A 372 -6.29 -25.30 -10.75
N THR A 373 -5.05 -25.68 -10.94
CA THR A 373 -4.32 -26.51 -10.00
C THR A 373 -3.37 -25.81 -9.10
N ASP A 374 -2.93 -24.63 -9.50
CA ASP A 374 -1.99 -23.89 -8.72
C ASP A 374 -2.37 -22.37 -8.80
N VAL A 375 -2.25 -21.67 -7.68
CA VAL A 375 -2.62 -20.24 -7.58
C VAL A 375 -1.57 -19.48 -6.79
N MET A 376 -0.94 -18.49 -7.41
CA MET A 376 0.01 -17.68 -6.77
C MET A 376 -0.50 -16.24 -6.74
N ALA A 377 -0.40 -15.62 -5.57
CA ALA A 377 -0.83 -14.24 -5.39
C ALA A 377 0.29 -13.50 -4.70
N GLN A 378 0.79 -12.44 -5.37
CA GLN A 378 1.94 -11.69 -4.87
C GLN A 378 3.15 -12.59 -4.55
N GLY A 379 3.38 -13.59 -5.38
CA GLY A 379 4.55 -14.46 -5.20
C GLY A 379 4.46 -15.52 -4.14
N VAL A 380 3.26 -15.75 -3.60
CA VAL A 380 3.04 -16.71 -2.53
C VAL A 380 2.01 -17.71 -3.10
N TRP A 381 2.23 -19.01 -2.89
CA TRP A 381 1.28 -20.01 -3.31
C TRP A 381 0.12 -20.11 -2.33
N HIS A 382 -1.09 -19.96 -2.84
CA HIS A 382 -2.30 -20.17 -2.10
C HIS A 382 -2.89 -21.53 -2.42
N LYS A 383 -2.58 -22.07 -3.60
CA LYS A 383 -3.06 -23.43 -3.93
C LYS A 383 -1.91 -24.03 -4.70
N GLN A 384 -1.53 -25.28 -4.42
CA GLN A 384 -0.39 -25.90 -5.14
C GLN A 384 -0.69 -27.38 -5.34
N ASN A 385 -0.45 -27.90 -6.54
CA ASN A 385 -0.86 -29.31 -6.86
C ASN A 385 -2.26 -29.69 -6.43
N ASN A 386 -3.17 -28.77 -6.71
CA ASN A 386 -4.52 -28.90 -6.37
C ASN A 386 -4.87 -29.00 -4.84
N GLN A 387 -3.97 -28.55 -3.97
CA GLN A 387 -4.17 -28.59 -2.52
C GLN A 387 -4.17 -27.15 -1.99
N THR A 388 -4.96 -26.93 -0.94
CA THR A 388 -4.99 -25.57 -0.28
C THR A 388 -3.76 -25.36 0.51
N MET A 389 -3.00 -24.30 0.23
CA MET A 389 -1.83 -23.98 1.00
C MET A 389 -2.15 -22.91 2.07
N ILE A 390 -3.07 -22.00 1.74
CA ILE A 390 -3.44 -20.89 2.64
C ILE A 390 -4.95 -20.82 2.69
N LYS A 391 -5.49 -20.70 3.91
CA LYS A 391 -6.90 -20.38 4.00
C LYS A 391 -7.13 -19.18 4.90
N GLY A 392 -8.35 -18.69 4.85
CA GLY A 392 -8.72 -17.45 5.59
C GLY A 392 -8.75 -17.74 7.09
N THR A 393 -8.66 -16.68 7.88
CA THR A 393 -8.60 -16.79 9.31
C THR A 393 -9.70 -17.64 9.92
N PHE A 394 -10.88 -17.57 9.39
CA PHE A 394 -12.03 -18.21 10.04
C PHE A 394 -12.61 -19.27 9.10
N GLU A 395 -11.87 -19.67 8.10
CA GLU A 395 -12.33 -20.74 7.19
C GLU A 395 -12.11 -22.15 7.83
N THR B 6 16.19 -4.05 -14.92
CA THR B 6 16.71 -5.01 -13.86
C THR B 6 15.99 -4.92 -12.49
N MET B 7 15.91 -6.05 -11.81
CA MET B 7 15.18 -6.19 -10.57
C MET B 7 15.93 -6.95 -9.44
N LEU B 8 17.10 -7.50 -9.76
CA LEU B 8 17.92 -8.15 -8.77
C LEU B 8 19.21 -7.39 -8.76
N ILE B 9 19.68 -7.02 -7.57
CA ILE B 9 20.92 -6.27 -7.40
C ILE B 9 21.76 -6.99 -6.37
N LEU B 10 23.00 -7.27 -6.70
CA LEU B 10 23.87 -7.99 -5.79
C LEU B 10 24.89 -6.98 -5.30
N LEU B 11 24.85 -6.67 -4.01
CA LEU B 11 25.78 -5.72 -3.38
C LEU B 11 26.91 -6.54 -2.76
N CYS B 12 28.10 -6.47 -3.36
CA CYS B 12 29.21 -7.32 -2.97
C CYS B 12 30.23 -6.57 -2.09
N ASN B 13 30.68 -7.27 -1.05
CA ASN B 13 31.79 -6.78 -0.22
C ASN B 13 31.36 -5.50 0.55
N VAL B 14 30.33 -5.67 1.37
CA VAL B 14 29.84 -4.60 2.18
C VAL B 14 30.07 -4.98 3.62
N ASN B 15 30.46 -3.98 4.39
CA ASN B 15 30.67 -4.13 5.81
C ASN B 15 29.34 -3.72 6.55
N ILE B 16 28.59 -4.70 6.97
CA ILE B 16 27.19 -4.47 7.35
C ILE B 16 27.06 -4.12 8.79
N TYR B 17 26.41 -2.99 9.05
CA TYR B 17 25.80 -2.71 10.36
C TYR B 17 24.31 -2.79 10.26
N ALA B 18 23.75 -3.84 10.82
CA ALA B 18 22.43 -4.23 10.56
C ALA B 18 21.24 -3.74 11.38
N PRO B 19 21.36 -2.93 12.43
CA PRO B 19 22.53 -2.13 12.83
C PRO B 19 23.65 -2.89 13.53
N ASN B 20 23.34 -4.08 13.96
CA ASN B 20 24.25 -4.93 14.66
C ASN B 20 25.41 -5.28 13.65
N PRO B 21 26.68 -5.26 14.06
CA PRO B 21 27.79 -5.46 13.08
C PRO B 21 27.85 -6.91 12.64
N LEU B 22 27.77 -7.16 11.35
CA LEU B 22 27.80 -8.51 10.83
C LEU B 22 29.12 -8.89 10.16
N GLY B 23 29.98 -7.96 10.01
CA GLY B 23 31.14 -8.16 9.18
C GLY B 23 30.91 -8.01 7.70
N ILE B 24 31.85 -8.49 6.91
CA ILE B 24 31.80 -8.30 5.48
C ILE B 24 30.91 -9.34 4.85
N LYS B 25 30.00 -8.89 3.97
CA LYS B 25 29.03 -9.71 3.38
C LYS B 25 28.84 -9.34 1.89
N ASP B 26 28.09 -10.23 1.24
CA ASP B 26 27.39 -9.97 0.05
C ASP B 26 25.88 -10.00 0.32
N VAL B 27 25.16 -9.07 -0.33
CA VAL B 27 23.70 -8.93 -0.14
C VAL B 27 22.95 -8.97 -1.47
N LEU B 28 21.96 -9.85 -1.57
CA LEU B 28 21.14 -9.93 -2.75
C LEU B 28 19.86 -9.17 -2.47
N ILE B 29 19.59 -8.12 -3.26
CA ILE B 29 18.29 -7.39 -3.26
C ILE B 29 17.42 -7.95 -4.36
N ALA B 30 16.19 -8.31 -4.05
CA ALA B 30 15.21 -8.76 -5.02
C ALA B 30 13.99 -7.85 -5.00
N GLY B 31 13.87 -7.07 -6.06
CA GLY B 31 12.88 -5.98 -6.07
C GLY B 31 13.01 -5.07 -4.82
N ASN B 32 11.98 -4.96 -4.01
CA ASN B 32 12.06 -3.96 -2.89
C ASN B 32 12.52 -4.63 -1.60
N LYS B 33 13.01 -5.89 -1.65
CA LYS B 33 13.32 -6.69 -0.43
C LYS B 33 14.74 -7.20 -0.43
N ILE B 34 15.27 -7.45 0.78
CA ILE B 34 16.52 -8.08 1.00
C ILE B 34 16.30 -9.59 0.95
N ALA B 35 16.92 -10.24 -0.03
CA ALA B 35 16.62 -11.67 -0.30
C ALA B 35 17.71 -12.59 0.34
N ALA B 36 18.96 -12.16 0.40
CA ALA B 36 20.00 -13.05 0.96
C ALA B 36 21.14 -12.21 1.50
N ILE B 37 21.82 -12.70 2.55
CA ILE B 37 22.96 -12.05 3.09
C ILE B 37 23.93 -13.20 3.45
N TYR B 38 25.13 -13.14 2.90
CA TYR B 38 26.07 -14.29 3.02
C TYR B 38 27.48 -13.85 2.94
N ASP B 39 28.38 -14.77 3.30
CA ASP B 39 29.78 -14.44 3.46
C ASP B 39 30.39 -14.08 2.17
N HIS B 40 31.19 -13.05 2.18
CA HIS B 40 31.82 -12.54 0.97
C HIS B 40 33.00 -13.54 0.70
N GLY B 41 32.92 -14.30 -0.39
CA GLY B 41 33.97 -15.27 -0.81
C GLY B 41 34.85 -14.60 -1.85
N GLN B 42 35.91 -15.30 -2.26
CA GLN B 42 36.85 -14.77 -3.29
C GLN B 42 36.51 -15.03 -4.79
N GLY B 43 35.77 -16.09 -5.13
CA GLY B 43 35.46 -16.44 -6.54
C GLY B 43 34.11 -15.93 -7.02
N GLU B 44 34.03 -15.33 -8.21
CA GLU B 44 32.89 -14.44 -8.57
C GLU B 44 31.43 -15.03 -8.70
N ILE B 45 31.23 -16.34 -8.56
CA ILE B 45 29.89 -17.00 -8.84
C ILE B 45 29.24 -16.70 -10.20
N THR B 46 28.78 -17.79 -10.82
CA THR B 46 28.12 -17.70 -12.09
C THR B 46 26.61 -17.44 -11.82
N ILE B 47 26.17 -16.35 -12.42
CA ILE B 47 24.79 -15.92 -12.39
C ILE B 47 24.20 -16.31 -13.75
N PRO B 48 23.05 -17.02 -13.77
CA PRO B 48 22.48 -17.35 -15.09
C PRO B 48 22.26 -16.11 -15.94
N LYS B 49 22.60 -16.24 -17.22
CA LYS B 49 22.70 -15.08 -18.09
C LYS B 49 21.29 -14.50 -18.35
N GLN B 50 20.27 -15.35 -18.32
CA GLN B 50 18.90 -14.90 -18.58
C GLN B 50 18.27 -14.08 -17.44
N TRP B 51 18.88 -14.03 -16.24
CA TRP B 51 18.32 -13.38 -15.12
C TRP B 51 18.87 -11.96 -15.10
N PRO B 52 18.04 -10.92 -14.93
CA PRO B 52 18.49 -9.51 -14.93
C PRO B 52 19.13 -9.09 -13.58
N VAL B 53 20.39 -9.44 -13.35
CA VAL B 53 21.04 -9.15 -12.03
C VAL B 53 22.10 -8.11 -12.24
N LYS B 54 22.07 -7.01 -11.54
CA LYS B 54 23.19 -6.04 -11.57
C LYS B 54 24.13 -6.31 -10.41
N VAL B 55 25.45 -6.43 -10.66
CA VAL B 55 26.40 -6.69 -9.59
C VAL B 55 27.21 -5.45 -9.35
N ILE B 56 27.35 -5.06 -8.08
CA ILE B 56 28.09 -3.88 -7.69
C ILE B 56 29.02 -4.15 -6.53
N ASN B 57 30.28 -3.75 -6.69
CA ASN B 57 31.35 -4.06 -5.71
C ASN B 57 31.65 -2.76 -4.90
N PHE B 58 31.66 -2.91 -3.60
CA PHE B 58 31.79 -1.79 -2.71
C PHE B 58 33.11 -1.79 -1.92
N ASP B 59 34.01 -2.77 -2.11
CA ASP B 59 35.36 -2.61 -1.52
C ASP B 59 35.33 -2.42 0.03
N GLY B 60 34.40 -3.08 0.71
CA GLY B 60 34.39 -3.07 2.13
C GLY B 60 33.66 -1.92 2.79
N ALA B 61 32.98 -1.08 2.01
CA ALA B 61 32.30 0.13 2.54
C ALA B 61 31.17 -0.27 3.46
N ILE B 62 30.95 0.59 4.41
CA ILE B 62 29.91 0.45 5.44
C ILE B 62 28.55 0.50 4.83
N LEU B 63 27.69 -0.43 5.21
CA LEU B 63 26.30 -0.45 4.76
C LEU B 63 25.40 -0.43 5.98
N THR B 64 24.39 0.42 5.95
CA THR B 64 23.49 0.56 7.09
C THR B 64 22.01 0.54 6.62
N PRO B 65 21.07 0.26 7.54
CA PRO B 65 19.66 0.58 7.13
C PRO B 65 19.47 2.05 6.84
N GLY B 66 18.42 2.38 6.08
CA GLY B 66 18.11 3.79 5.85
C GLY B 66 17.57 4.35 7.14
N PHE B 67 17.72 5.66 7.27
CA PHE B 67 17.17 6.32 8.41
C PHE B 67 15.66 6.43 8.28
N ILE B 68 15.02 6.29 9.42
CA ILE B 68 13.52 6.48 9.53
C ILE B 68 13.36 7.73 10.36
N ASP B 69 12.85 8.78 9.74
CA ASP B 69 12.67 10.07 10.45
C ASP B 69 11.23 10.19 10.89
N SER B 70 10.98 10.14 12.17
CA SER B 70 9.60 10.03 12.64
C SER B 70 8.89 11.39 12.79
N HIS B 71 9.60 12.46 12.53
CA HIS B 71 9.10 13.83 12.84
C HIS B 71 9.56 14.76 11.75
N ALA B 72 8.78 14.84 10.66
CA ALA B 72 9.12 15.81 9.64
C ALA B 72 7.89 16.56 9.14
N HIS B 73 8.04 17.86 8.95
CA HIS B 73 6.95 18.68 8.38
C HIS B 73 7.04 18.65 6.87
N ILE B 74 6.60 17.55 6.30
CA ILE B 74 6.72 17.27 4.88
C ILE B 74 6.02 18.35 4.03
N THR B 75 4.98 18.98 4.60
CA THR B 75 4.27 20.06 3.84
C THR B 75 4.99 21.35 3.99
N GLY B 76 6.02 21.35 4.81
CA GLY B 76 6.53 22.55 5.46
C GLY B 76 5.79 22.90 6.72
N GLY B 77 6.51 23.48 7.69
CA GLY B 77 5.91 23.97 8.92
C GLY B 77 5.96 25.52 8.91
N GLY B 78 6.43 26.08 10.01
CA GLY B 78 6.50 27.52 10.18
C GLY B 78 5.10 28.13 10.23
N GLY B 79 5.03 29.44 10.00
CA GLY B 79 3.75 30.14 10.21
C GLY B 79 3.65 30.83 11.53
N GLU B 80 4.65 30.64 12.40
CA GLU B 80 4.58 31.19 13.76
C GLU B 80 5.04 32.62 13.87
N ALA B 81 5.54 33.18 12.80
CA ALA B 81 5.90 34.59 12.77
C ALA B 81 5.23 35.29 11.61
N GLY B 82 3.94 35.04 11.39
CA GLY B 82 3.28 35.64 10.23
C GLY B 82 3.15 34.71 9.08
N PHE B 83 2.23 35.09 8.20
CA PHE B 83 1.89 34.23 7.07
C PHE B 83 3.00 34.07 6.10
N ALA B 84 3.89 35.05 6.03
CA ALA B 84 5.06 34.87 5.09
C ALA B 84 6.08 33.79 5.58
N THR B 85 5.93 33.33 6.80
CA THR B 85 6.81 32.27 7.34
C THR B 85 6.35 30.83 7.11
N GLN B 86 5.34 30.60 6.25
CA GLN B 86 4.96 29.20 5.95
C GLN B 86 5.99 28.60 5.03
N VAL B 87 6.63 27.52 5.46
CA VAL B 87 7.68 26.88 4.72
C VAL B 87 7.09 26.09 3.58
N PRO B 88 7.72 26.09 2.42
CA PRO B 88 7.26 25.30 1.29
C PRO B 88 7.48 23.81 1.54
N PRO B 89 6.80 22.99 0.78
CA PRO B 89 6.99 21.54 0.98
C PRO B 89 8.45 21.11 0.78
N VAL B 90 8.86 20.13 1.55
CA VAL B 90 10.21 19.63 1.51
C VAL B 90 10.42 18.74 0.31
N GLY B 91 11.40 19.07 -0.57
CA GLY B 91 11.73 18.15 -1.63
C GLY B 91 12.22 16.75 -1.30
N LEU B 92 11.93 15.79 -2.20
CA LEU B 92 12.40 14.43 -2.12
C LEU B 92 13.87 14.27 -1.71
N THR B 93 14.76 14.98 -2.39
CA THR B 93 16.22 14.83 -2.12
C THR B 93 16.62 15.34 -0.77
N GLU B 94 15.91 16.28 -0.18
CA GLU B 94 16.19 16.74 1.14
C GLU B 94 16.10 15.60 2.16
N PHE B 95 15.25 14.60 1.86
CA PHE B 95 15.19 13.36 2.65
C PHE B 95 16.24 12.36 2.17
N THR B 96 16.21 11.99 0.90
CA THR B 96 17.02 10.87 0.43
C THR B 96 18.48 11.11 0.58
N HIS B 97 18.90 12.33 0.30
CA HIS B 97 20.29 12.66 0.36
C HIS B 97 20.84 12.83 1.74
N ALA B 98 19.95 12.96 2.72
CA ALA B 98 20.27 12.88 4.12
C ALA B 98 20.24 11.44 4.67
N GLY B 99 19.95 10.47 3.84
CA GLY B 99 19.79 9.09 4.23
C GLY B 99 18.44 8.65 4.71
N VAL B 100 17.44 9.51 4.61
CA VAL B 100 16.13 9.18 5.10
C VAL B 100 15.39 8.46 4.01
N THR B 101 15.06 7.18 4.25
CA THR B 101 14.33 6.36 3.33
C THR B 101 12.84 6.17 3.70
N THR B 102 12.51 6.47 4.94
CA THR B 102 11.12 6.49 5.46
C THR B 102 10.91 7.73 6.25
N VAL B 103 9.84 8.46 5.96
CA VAL B 103 9.53 9.65 6.71
C VAL B 103 8.13 9.52 7.28
N VAL B 104 7.91 10.09 8.46
CA VAL B 104 6.57 10.23 9.04
C VAL B 104 6.28 11.71 9.16
N GLY B 105 5.29 12.19 8.42
CA GLY B 105 4.91 13.58 8.43
C GLY B 105 3.96 14.00 9.50
N LEU B 106 3.97 15.30 9.83
CA LEU B 106 3.06 15.82 10.73
C LEU B 106 2.85 17.29 10.52
N LEU B 107 1.73 17.77 11.06
CA LEU B 107 1.51 19.19 11.28
C LEU B 107 1.93 19.55 12.67
N GLY B 108 2.31 20.81 12.74
CA GLY B 108 2.74 21.40 13.97
C GLY B 108 1.90 22.55 14.39
N THR B 109 2.51 23.65 14.82
CA THR B 109 1.78 24.71 15.46
C THR B 109 0.67 25.23 14.58
N ASP B 110 0.95 25.36 13.29
CA ASP B 110 -0.07 25.79 12.34
C ASP B 110 -0.87 24.56 11.82
N ASP B 111 -1.92 24.25 12.55
CA ASP B 111 -2.94 23.34 12.12
C ASP B 111 -4.27 24.09 11.84
N THR B 112 -4.16 25.38 11.58
CA THR B 112 -5.24 26.26 11.24
C THR B 112 -5.32 26.54 9.78
N THR B 113 -4.22 26.85 9.15
CA THR B 113 -4.22 27.06 7.72
C THR B 113 -3.84 25.79 6.96
N ARG B 114 -3.24 24.80 7.60
CA ARG B 114 -2.83 23.55 6.96
C ARG B 114 -3.76 22.48 7.47
N SER B 115 -3.99 21.47 6.61
CA SER B 115 -5.00 20.42 6.84
C SER B 115 -4.38 19.05 6.77
N THR B 116 -5.04 18.09 7.38
CA THR B 116 -4.63 16.69 7.18
C THR B 116 -4.73 16.26 5.74
N GLU B 117 -5.66 16.82 4.96
CA GLU B 117 -5.68 16.56 3.53
C GLU B 117 -4.39 17.01 2.80
N ASN B 118 -3.84 18.16 3.22
CA ASN B 118 -2.54 18.59 2.67
C ASN B 118 -1.47 17.56 2.99
N LEU B 119 -1.49 17.11 4.27
CA LEU B 119 -0.46 16.23 4.80
C LEU B 119 -0.51 14.90 4.11
N LEU B 120 -1.68 14.28 4.05
CA LEU B 120 -1.79 12.98 3.49
C LEU B 120 -1.56 12.96 1.95
N SER B 121 -1.99 14.02 1.28
CA SER B 121 -1.66 14.27 -0.15
C SER B 121 -0.17 14.19 -0.38
N ARG B 122 0.56 14.85 0.49
CA ARG B 122 2.01 14.90 0.37
C ARG B 122 2.64 13.54 0.72
N VAL B 123 2.08 12.83 1.68
CA VAL B 123 2.49 11.44 1.88
C VAL B 123 2.39 10.62 0.60
N TYR B 124 1.23 10.63 -0.05
CA TYR B 124 1.07 9.93 -1.30
C TYR B 124 2.00 10.44 -2.43
N GLY B 125 2.21 11.74 -2.48
CA GLY B 125 3.20 12.31 -3.38
C GLY B 125 4.62 11.74 -3.25
N LEU B 126 5.09 11.71 -2.02
CA LEU B 126 6.43 11.18 -1.72
C LEU B 126 6.47 9.69 -1.97
N ARG B 127 5.37 8.94 -1.76
CA ARG B 127 5.37 7.53 -2.07
C ARG B 127 5.46 7.37 -3.57
N GLU B 128 4.79 8.24 -4.33
CA GLU B 128 4.82 8.12 -5.80
C GLU B 128 6.25 8.37 -6.31
N GLU B 129 6.98 9.20 -5.65
CA GLU B 129 8.37 9.50 -6.01
C GLU B 129 9.38 8.44 -5.52
N GLY B 130 8.94 7.45 -4.74
CA GLY B 130 9.73 6.28 -4.32
C GLY B 130 10.24 6.29 -2.84
N LEU B 131 9.83 7.30 -2.06
CA LEU B 131 10.07 7.30 -0.64
C LEU B 131 9.03 6.48 0.10
N SER B 132 9.39 5.88 1.24
CA SER B 132 8.35 5.34 2.12
C SER B 132 7.89 6.52 2.97
N ALA B 133 6.57 6.63 3.19
CA ALA B 133 6.06 7.80 3.90
C ALA B 133 4.76 7.44 4.59
N TYR B 134 4.62 7.97 5.81
CA TYR B 134 3.52 7.77 6.69
C TYR B 134 3.22 9.13 7.27
N CYS B 135 2.15 9.25 8.02
CA CYS B 135 1.92 10.48 8.78
C CYS B 135 1.20 10.28 10.10
N TRP B 136 1.26 11.33 10.92
CA TRP B 136 0.55 11.40 12.19
C TRP B 136 -0.70 12.24 11.88
N THR B 137 -1.84 11.88 12.41
CA THR B 137 -2.98 12.77 12.33
C THR B 137 -3.15 13.62 13.61
N GLY B 138 -4.06 14.55 13.58
CA GLY B 138 -4.47 15.30 14.78
C GLY B 138 -3.88 16.64 14.93
N GLY B 139 -2.59 16.71 14.75
CA GLY B 139 -1.79 17.83 14.99
C GLY B 139 -1.49 18.28 16.42
N TYR B 140 -1.37 19.56 16.54
CA TYR B 140 -0.78 20.19 17.70
C TYR B 140 -1.80 20.59 18.75
N HIS B 141 -2.96 20.99 18.28
CA HIS B 141 -4.03 21.54 19.10
C HIS B 141 -5.23 20.60 19.25
N PHE B 142 -6.06 20.93 20.22
CA PHE B 142 -7.31 20.28 20.51
C PHE B 142 -8.40 21.34 20.48
N PRO B 143 -9.51 21.14 19.77
CA PRO B 143 -9.82 19.94 19.03
C PRO B 143 -8.85 19.64 17.91
N LEU B 144 -8.75 18.34 17.59
CA LEU B 144 -7.79 17.85 16.60
C LEU B 144 -8.09 18.26 15.20
N THR B 145 -7.07 18.28 14.34
CA THR B 145 -7.23 18.38 12.84
C THR B 145 -7.13 17.00 12.25
N THR B 146 -8.19 16.54 11.58
CA THR B 146 -8.29 15.22 10.98
C THR B 146 -9.02 15.27 9.62
N ILE B 147 -8.98 14.18 8.89
CA ILE B 147 -9.78 14.11 7.65
C ILE B 147 -11.21 13.67 7.96
N THR B 148 -11.38 12.66 8.82
CA THR B 148 -12.71 12.02 9.04
C THR B 148 -13.43 12.60 10.21
N GLY B 149 -12.77 13.44 11.02
CA GLY B 149 -13.40 14.08 12.20
C GLY B 149 -13.08 13.38 13.51
N SER B 150 -12.35 12.27 13.45
CA SER B 150 -11.79 11.70 14.70
C SER B 150 -10.51 11.01 14.43
N ALA B 151 -9.63 11.01 15.42
CA ALA B 151 -8.36 10.30 15.24
C ALA B 151 -8.58 8.83 15.01
N LYS B 152 -9.54 8.30 15.72
CA LYS B 152 -9.73 6.86 15.67
C LYS B 152 -10.13 6.36 14.30
N SER B 153 -11.01 7.09 13.68
CA SER B 153 -11.36 6.78 12.34
C SER B 153 -10.29 7.16 11.28
N ASP B 154 -9.54 8.24 11.47
CA ASP B 154 -8.38 8.47 10.56
C ASP B 154 -7.38 7.35 10.64
N ILE B 155 -7.05 6.89 11.86
CA ILE B 155 -6.03 5.83 11.99
C ILE B 155 -6.56 4.50 11.46
N ALA B 156 -7.83 4.25 11.67
CA ALA B 156 -8.39 2.95 11.22
C ALA B 156 -8.46 2.86 9.70
N PHE B 157 -8.87 3.96 9.01
CA PHE B 157 -9.19 3.83 7.59
C PHE B 157 -8.18 4.47 6.62
N LEU B 158 -7.26 5.31 7.11
CA LEU B 158 -6.26 5.92 6.22
C LEU B 158 -4.98 5.11 6.47
N GLU B 159 -4.59 4.29 5.48
CA GLU B 159 -3.46 3.36 5.71
C GLU B 159 -2.18 4.07 6.24
N PRO B 160 -1.82 5.22 5.65
CA PRO B 160 -0.55 5.82 6.03
C PRO B 160 -0.55 6.49 7.40
N VAL B 161 -1.74 6.68 7.99
CA VAL B 161 -1.82 7.35 9.25
C VAL B 161 -1.54 6.37 10.42
N ILE B 162 -0.58 6.68 11.31
CA ILE B 162 -0.09 5.64 12.26
C ILE B 162 -0.38 6.02 13.71
N GLY B 163 -0.81 7.25 13.96
CA GLY B 163 -1.05 7.70 15.28
C GLY B 163 -1.40 9.16 15.28
N ILE B 164 -1.32 9.75 16.44
CA ILE B 164 -1.60 11.20 16.65
C ILE B 164 -0.27 11.90 16.87
N GLY B 165 -0.11 13.05 16.25
CA GLY B 165 1.04 13.90 16.45
C GLY B 165 1.04 15.17 15.66
N GLU B 166 1.96 16.10 15.95
CA GLU B 166 2.68 16.21 17.20
C GLU B 166 1.81 17.02 18.20
N PHE B 167 1.26 16.34 19.17
CA PHE B 167 0.23 16.94 20.06
C PHE B 167 0.95 17.67 21.17
N ALA B 168 0.69 18.96 21.34
CA ALA B 168 1.49 19.77 22.26
C ALA B 168 1.07 19.74 23.71
N ILE B 169 2.08 19.49 24.56
CA ILE B 169 1.99 19.66 26.03
C ILE B 169 3.13 20.47 26.58
N SER B 170 2.89 21.12 27.67
CA SER B 170 3.88 21.98 28.36
C SER B 170 4.50 22.99 27.44
N ASP B 171 3.64 23.69 26.72
CA ASP B 171 4.09 24.67 25.76
C ASP B 171 3.14 25.86 25.71
N HIS B 172 3.67 27.10 25.63
CA HIS B 172 2.81 28.29 25.54
C HIS B 172 1.85 28.27 24.33
N ARG B 173 2.21 27.50 23.33
CA ARG B 173 1.37 27.35 22.10
C ARG B 173 0.43 26.15 22.13
N SER B 174 0.42 25.40 23.24
CA SER B 174 -0.47 24.31 23.35
C SER B 174 -1.93 24.74 23.45
N SER B 175 -2.84 23.77 23.42
CA SER B 175 -4.23 24.01 23.71
C SER B 175 -4.52 23.92 25.19
N GLN B 176 -3.50 23.86 26.07
CA GLN B 176 -3.71 23.60 27.48
C GLN B 176 -4.61 22.40 27.67
N PRO B 177 -4.19 21.25 27.15
CA PRO B 177 -4.98 20.05 27.28
C PRO B 177 -5.08 19.51 28.71
N THR B 178 -6.21 18.96 29.04
CA THR B 178 -6.44 18.37 30.31
C THR B 178 -5.98 16.97 30.27
N PHE B 179 -5.83 16.40 31.47
CA PHE B 179 -5.51 14.98 31.63
C PHE B 179 -6.57 14.11 30.95
N GLU B 180 -7.85 14.48 31.15
CA GLU B 180 -8.97 13.70 30.57
C GLU B 180 -8.92 13.75 29.04
N GLU B 181 -8.59 14.91 28.49
CA GLU B 181 -8.45 15.03 27.04
C GLU B 181 -7.33 14.16 26.50
N VAL B 182 -6.19 14.19 27.19
CA VAL B 182 -5.02 13.44 26.77
C VAL B 182 -5.25 11.94 26.83
N ILE B 183 -5.81 11.41 27.93
CA ILE B 183 -5.98 9.99 27.99
C ILE B 183 -7.01 9.48 27.02
N ARG B 184 -7.99 10.32 26.73
CA ARG B 184 -8.99 9.89 25.71
C ARG B 184 -8.31 9.81 24.32
N LEU B 185 -7.47 10.78 23.98
CA LEU B 185 -6.68 10.69 22.74
C LEU B 185 -5.84 9.46 22.73
N ALA B 186 -5.18 9.18 23.86
CA ALA B 186 -4.31 8.01 23.89
C ALA B 186 -5.10 6.74 23.71
N SER B 187 -6.29 6.71 24.23
CA SER B 187 -7.16 5.55 24.08
C SER B 187 -7.50 5.32 22.62
N GLU B 188 -7.74 6.43 21.90
CA GLU B 188 -8.11 6.38 20.52
C GLU B 188 -6.99 5.79 19.66
N THR B 189 -5.82 6.33 19.80
CA THR B 189 -4.73 5.84 19.06
C THR B 189 -4.33 4.41 19.43
N HIS B 190 -4.27 4.08 20.72
CA HIS B 190 -3.97 2.72 21.15
C HIS B 190 -4.91 1.67 20.56
N VAL B 191 -6.21 1.89 20.68
CA VAL B 191 -7.19 0.95 20.12
C VAL B 191 -7.09 0.89 18.58
N ALA B 192 -6.94 2.04 17.92
CA ALA B 192 -6.77 2.02 16.50
C ALA B 192 -5.52 1.24 16.07
N GLY B 193 -4.47 1.27 16.86
CA GLY B 193 -3.32 0.41 16.65
C GLY B 193 -3.57 -1.04 16.71
N LEU B 194 -4.46 -1.44 17.64
CA LEU B 194 -4.86 -2.79 17.73
C LEU B 194 -5.66 -3.23 16.54
N ILE B 195 -6.53 -2.38 16.08
CA ILE B 195 -7.46 -2.72 14.93
C ILE B 195 -6.67 -2.89 13.63
N THR B 196 -5.59 -2.12 13.53
CA THR B 196 -4.89 -1.98 12.28
C THR B 196 -3.53 -2.62 12.28
N GLY B 197 -2.94 -2.81 13.45
CA GLY B 197 -1.55 -3.24 13.60
C GLY B 197 -0.53 -2.18 13.51
N LYS B 198 -0.95 -0.93 13.35
CA LYS B 198 -0.03 0.18 13.23
C LYS B 198 0.43 0.68 14.60
N ALA B 199 1.26 1.71 14.60
CA ALA B 199 1.96 2.19 15.81
C ALA B 199 0.99 2.37 16.97
N GLY B 200 -0.07 3.13 16.76
CA GLY B 200 -1.04 3.34 17.87
C GLY B 200 -0.46 4.14 19.01
N VAL B 201 0.41 5.08 18.65
CA VAL B 201 1.04 5.96 19.59
C VAL B 201 0.54 7.42 19.49
N ILE B 202 0.72 8.19 20.55
CA ILE B 202 0.56 9.64 20.53
C ILE B 202 1.97 10.18 20.69
N HIS B 203 2.42 10.92 19.69
CA HIS B 203 3.69 11.65 19.63
C HIS B 203 3.49 13.06 20.12
N PHE B 204 4.07 13.39 21.26
CA PHE B 204 3.85 14.65 21.92
C PHE B 204 4.92 15.67 21.64
N HIS B 205 4.53 16.85 21.21
CA HIS B 205 5.48 17.99 21.20
C HIS B 205 5.64 18.45 22.61
N LEU B 206 6.86 18.44 23.13
CA LEU B 206 7.15 19.10 24.40
C LEU B 206 7.69 20.49 24.20
N GLY B 207 7.16 21.43 24.97
CA GLY B 207 7.76 22.76 25.07
C GLY B 207 8.62 22.92 26.31
N ASP B 208 8.83 24.17 26.72
CA ASP B 208 9.68 24.45 27.93
C ASP B 208 8.90 24.70 29.19
N GLY B 209 7.65 24.35 29.21
CA GLY B 209 6.90 24.50 30.40
C GLY B 209 7.40 23.64 31.53
N GLU B 210 7.39 24.23 32.73
CA GLU B 210 7.91 23.54 33.94
C GLU B 210 7.15 22.30 34.30
N ARG B 211 5.92 22.18 33.85
CA ARG B 211 5.18 20.95 34.13
C ARG B 211 5.76 19.70 33.43
N ARG B 212 6.58 19.92 32.42
CA ARG B 212 7.31 18.87 31.72
C ARG B 212 6.39 17.70 31.37
N LEU B 213 6.67 16.47 31.87
CA LEU B 213 5.94 15.29 31.45
C LEU B 213 4.84 14.81 32.40
N GLU B 214 4.45 15.66 33.34
CA GLU B 214 3.45 15.36 34.33
C GLU B 214 2.22 14.67 33.81
N LEU B 215 1.69 15.12 32.67
CA LEU B 215 0.44 14.46 32.13
C LEU B 215 0.72 13.05 31.71
N ILE B 216 1.90 12.81 31.12
CA ILE B 216 2.26 11.45 30.71
C ILE B 216 2.49 10.58 31.91
N GLU B 217 3.26 11.12 32.87
CA GLU B 217 3.53 10.38 34.08
C GLU B 217 2.23 9.97 34.77
N ARG B 218 1.30 10.91 34.91
CA ARG B 218 0.01 10.59 35.47
C ARG B 218 -0.76 9.50 34.68
N ALA B 219 -0.79 9.57 33.37
CA ALA B 219 -1.52 8.61 32.53
C ALA B 219 -0.98 7.22 32.80
N ILE B 220 0.34 7.12 32.86
CA ILE B 220 0.93 5.80 33.04
C ILE B 220 0.66 5.21 34.46
N ARG B 221 0.75 6.09 35.43
CA ARG B 221 0.55 5.70 36.82
C ARG B 221 -0.90 5.32 37.08
N GLU B 222 -1.84 6.10 36.55
CA GLU B 222 -3.23 6.01 37.01
C GLU B 222 -4.09 5.12 36.14
N THR B 223 -3.71 4.94 34.89
CA THR B 223 -4.56 4.22 33.92
C THR B 223 -3.89 2.93 33.47
N GLU B 224 -4.61 2.14 32.71
CA GLU B 224 -4.13 0.91 32.13
C GLU B 224 -3.41 1.12 30.79
N LEU B 225 -3.34 2.34 30.29
CA LEU B 225 -2.67 2.55 29.01
C LEU B 225 -1.17 2.20 29.06
N PRO B 226 -0.69 1.35 28.12
CA PRO B 226 0.70 0.98 28.09
C PRO B 226 1.59 2.17 27.88
N ALA B 227 2.72 2.15 28.57
CA ALA B 227 3.66 3.22 28.50
C ALA B 227 4.09 3.52 27.08
N ARG B 228 4.18 2.50 26.27
CA ARG B 228 4.72 2.69 24.87
C ARG B 228 3.80 3.62 24.05
N VAL B 229 2.56 3.78 24.46
CA VAL B 229 1.63 4.70 23.82
C VAL B 229 2.10 6.16 23.83
N PHE B 230 2.85 6.57 24.85
CA PHE B 230 3.18 7.96 25.10
C PHE B 230 4.61 8.21 24.64
N ASN B 231 4.79 8.96 23.54
CA ASN B 231 6.08 9.13 22.88
C ASN B 231 6.44 10.58 22.81
N PRO B 232 7.09 11.12 23.86
CA PRO B 232 7.53 12.52 23.83
C PRO B 232 8.74 12.80 22.93
N THR B 233 8.68 13.91 22.25
CA THR B 233 9.78 14.43 21.44
C THR B 233 10.29 15.78 21.90
N HIS B 234 11.42 16.19 21.28
CA HIS B 234 12.13 17.40 21.68
C HIS B 234 12.62 17.29 23.14
N VAL B 235 12.87 16.08 23.61
CA VAL B 235 13.24 15.89 25.04
C VAL B 235 14.60 16.44 25.50
N ASN B 236 15.44 16.76 24.56
CA ASN B 236 16.72 17.44 24.78
C ASN B 236 16.61 18.96 24.80
N ARG B 237 15.38 19.51 24.70
CA ARG B 237 15.29 20.97 24.45
C ARG B 237 15.62 21.80 25.69
N ASN B 238 15.47 21.21 26.88
CA ASN B 238 16.01 21.86 28.06
C ASN B 238 16.50 20.76 29.01
N LYS B 239 17.42 21.11 29.90
CA LYS B 239 18.03 20.09 30.75
C LYS B 239 17.11 19.37 31.78
N PRO B 240 16.21 20.10 32.51
CA PRO B 240 15.31 19.41 33.40
C PRO B 240 14.35 18.41 32.68
N LEU B 241 13.88 18.84 31.53
CA LEU B 241 13.06 17.92 30.65
C LEU B 241 13.83 16.70 30.25
N PHE B 242 15.07 16.84 29.83
CA PHE B 242 15.84 15.67 29.50
C PHE B 242 16.02 14.74 30.71
N GLU B 243 16.32 15.30 31.87
CA GLU B 243 16.40 14.48 33.10
C GLU B 243 15.06 13.69 33.37
N ASP B 244 13.94 14.38 33.29
CA ASP B 244 12.64 13.76 33.48
C ASP B 244 12.33 12.70 32.38
N SER B 245 12.79 12.93 31.15
CA SER B 245 12.53 12.02 30.05
C SER B 245 13.34 10.75 30.23
N CYS B 246 14.58 10.91 30.71
CA CYS B 246 15.36 9.70 31.05
C CYS B 246 14.73 8.83 32.15
N LYS B 247 14.12 9.46 33.13
CA LYS B 247 13.38 8.68 34.15
C LYS B 247 12.17 7.98 33.57
N LEU B 248 11.56 8.58 32.53
CA LEU B 248 10.43 7.96 31.93
C LEU B 248 10.81 6.69 31.19
N LEU B 249 12.06 6.57 30.76
CA LEU B 249 12.48 5.26 30.15
C LEU B 249 12.21 4.04 31.04
N SER B 250 12.34 4.23 32.37
CA SER B 250 12.13 3.07 33.30
C SER B 250 10.67 2.59 33.24
N LYS B 251 9.75 3.49 32.85
CA LYS B 251 8.33 3.08 32.74
C LYS B 251 8.03 2.33 31.43
N GLY B 252 8.93 2.39 30.45
CA GLY B 252 8.80 1.68 29.20
C GLY B 252 8.48 2.55 27.97
N CYS B 253 8.50 3.85 28.12
CA CYS B 253 8.28 4.78 26.94
C CYS B 253 9.49 4.88 26.05
N HIS B 254 9.30 5.01 24.75
CA HIS B 254 10.36 5.52 23.86
C HIS B 254 10.36 7.05 23.99
N ILE B 255 11.52 7.64 23.95
CA ILE B 255 11.66 9.10 23.99
C ILE B 255 12.40 9.46 22.72
N ASP B 256 12.08 10.61 22.18
CA ASP B 256 12.66 11.08 20.93
C ASP B 256 13.45 12.35 21.09
N LEU B 257 14.72 12.29 20.72
CA LEU B 257 15.58 13.44 20.71
C LEU B 257 15.41 14.22 19.36
N THR B 258 15.60 15.52 19.38
CA THR B 258 15.59 16.34 18.20
C THR B 258 17.02 16.69 17.79
N ALA B 259 17.36 16.44 16.53
CA ALA B 259 18.69 16.71 16.02
C ALA B 259 18.75 18.16 15.66
N PHE B 260 18.85 19.03 16.67
CA PHE B 260 18.94 20.49 16.39
C PHE B 260 20.20 20.77 15.57
N PRO B 261 20.15 21.76 14.69
CA PRO B 261 21.41 22.18 14.01
C PRO B 261 22.51 22.50 15.03
N ALA B 262 23.71 22.01 14.77
CA ALA B 262 24.89 22.19 15.68
C ALA B 262 25.05 23.56 16.41
N GLY B 263 24.84 24.68 15.76
CA GLY B 263 24.85 25.93 16.60
C GLY B 263 24.00 25.99 17.93
N THR B 264 22.88 25.27 17.99
CA THR B 264 21.62 25.91 18.43
C THR B 264 20.79 25.31 19.59
N ALA B 265 21.22 24.23 20.27
CA ALA B 265 20.35 23.59 21.31
C ALA B 265 20.27 24.29 22.68
N GLN B 266 20.79 25.51 22.77
CA GLN B 266 21.56 26.05 23.92
C GLN B 266 20.99 26.07 25.30
N PRO B 267 19.65 26.26 25.47
CA PRO B 267 19.25 26.06 26.90
C PRO B 267 19.41 24.55 27.22
N GLY B 268 19.18 23.69 26.21
CA GLY B 268 19.19 22.24 26.41
C GLY B 268 20.47 21.60 25.95
N TRP B 269 20.37 20.36 25.52
CA TRP B 269 21.51 19.58 25.06
C TRP B 269 21.51 19.37 23.57
N GLU B 270 22.66 19.54 22.93
CA GLU B 270 22.89 19.03 21.59
C GLU B 270 22.56 17.54 21.62
N ALA B 271 21.96 17.05 20.53
CA ALA B 271 21.58 15.66 20.49
C ALA B 271 22.76 14.78 20.68
N CYS B 272 23.92 15.11 20.10
CA CYS B 272 25.09 14.24 20.32
C CYS B 272 25.49 14.17 21.79
N ASP B 273 25.41 15.28 22.52
CA ASP B 273 25.69 15.26 23.97
C ASP B 273 24.69 14.48 24.77
N ALA B 274 23.41 14.57 24.42
CA ALA B 274 22.37 13.78 25.09
C ALA B 274 22.52 12.26 24.91
N ILE B 275 22.90 11.87 23.70
CA ILE B 275 23.16 10.50 23.38
C ILE B 275 24.38 10.03 24.23
N GLU B 276 25.43 10.82 24.18
CA GLU B 276 26.61 10.48 24.99
C GLU B 276 26.23 10.29 26.50
N MET B 277 25.41 11.19 27.04
CA MET B 277 24.93 11.03 28.41
C MET B 277 24.13 9.75 28.64
N ALA B 278 23.27 9.39 27.67
CA ALA B 278 22.52 8.16 27.80
C ALA B 278 23.37 6.90 27.84
N VAL B 279 24.35 6.83 26.95
CA VAL B 279 25.28 5.73 26.92
C VAL B 279 26.04 5.65 28.26
N GLU B 280 26.53 6.76 28.73
CA GLU B 280 27.34 6.85 29.96
C GLU B 280 26.60 6.44 31.16
N ARG B 281 25.31 6.81 31.19
CA ARG B 281 24.41 6.47 32.24
C ARG B 281 23.74 5.12 32.22
N GLN B 282 24.08 4.26 31.25
CA GLN B 282 23.61 2.91 31.18
C GLN B 282 22.08 2.87 31.11
N LEU B 283 21.54 3.83 30.37
CA LEU B 283 20.08 3.80 30.15
C LEU B 283 19.69 2.78 29.08
N PRO B 284 18.37 2.50 28.94
CA PRO B 284 17.95 1.52 27.90
C PRO B 284 17.97 2.18 26.52
N LEU B 285 19.04 1.91 25.81
CA LEU B 285 19.32 2.64 24.55
C LEU B 285 18.36 2.23 23.44
N GLU B 286 17.70 1.06 23.54
CA GLU B 286 16.72 0.65 22.53
C GLU B 286 15.47 1.58 22.52
N GLN B 287 15.29 2.34 23.59
CA GLN B 287 14.17 3.19 23.76
C GLN B 287 14.37 4.65 23.41
N ILE B 288 15.44 4.99 22.76
CA ILE B 288 15.77 6.35 22.46
C ILE B 288 15.88 6.46 20.93
N THR B 289 15.24 7.47 20.39
CA THR B 289 15.28 7.73 18.98
C THR B 289 15.72 9.18 18.70
N LEU B 290 16.02 9.45 17.45
CA LEU B 290 16.43 10.74 16.98
C LEU B 290 15.64 11.10 15.72
N SER B 291 15.09 12.31 15.70
CA SER B 291 14.39 12.81 14.53
C SER B 291 14.85 14.21 14.22
N SER B 292 14.48 14.72 13.02
CA SER B 292 15.09 15.93 12.45
C SER B 292 14.29 17.18 12.68
N ASP B 293 12.97 17.05 12.88
CA ASP B 293 12.05 18.20 12.73
C ASP B 293 12.23 18.96 11.39
N GLY B 294 12.53 18.25 10.33
CA GLY B 294 12.77 18.82 8.99
C GLY B 294 11.54 19.63 8.53
N GLY B 295 11.77 20.81 7.95
CA GLY B 295 10.65 21.59 7.42
C GLY B 295 10.10 22.56 8.46
N GLY B 296 10.49 22.43 9.72
CA GLY B 296 9.73 23.01 10.83
C GLY B 296 10.32 24.25 11.49
N GLY B 313 14.88 23.60 10.33
CA GLY B 313 14.93 22.12 10.40
C GLY B 313 15.28 21.48 9.05
N ARG B 314 16.29 20.60 9.01
CA ARG B 314 16.67 19.90 7.75
C ARG B 314 17.11 18.50 8.09
N ALA B 315 16.75 17.54 7.24
CA ALA B 315 17.01 16.09 7.61
C ALA B 315 18.52 15.76 7.69
N SER B 316 19.35 16.59 7.06
CA SER B 316 20.79 16.39 7.08
C SER B 316 21.39 16.53 8.51
N THR B 317 20.64 17.08 9.47
CA THR B 317 21.13 17.09 10.83
C THR B 317 21.17 15.67 11.44
N LEU B 318 20.44 14.68 10.88
CA LEU B 318 20.48 13.37 11.46
C LEU B 318 21.91 12.81 11.28
N GLY B 319 22.40 12.87 10.05
CA GLY B 319 23.79 12.50 9.69
C GLY B 319 24.82 13.26 10.46
N GLU B 320 24.59 14.56 10.62
CA GLU B 320 25.50 15.42 11.37
C GLU B 320 25.64 15.00 12.80
N THR B 321 24.51 14.64 13.42
CA THR B 321 24.53 14.13 14.78
C THR B 321 25.25 12.84 14.89
N LEU B 322 25.02 11.94 13.94
CA LEU B 322 25.66 10.67 13.96
C LEU B 322 27.16 10.85 13.93
N VAL B 323 27.65 11.67 13.03
CA VAL B 323 29.07 11.93 12.87
C VAL B 323 29.64 12.56 14.13
N ALA B 324 28.90 13.48 14.72
CA ALA B 324 29.33 14.10 15.99
C ALA B 324 29.39 13.15 17.14
N THR B 325 28.51 12.16 17.20
CA THR B 325 28.64 11.14 18.29
C THR B 325 29.76 10.13 18.04
N LEU B 326 30.02 9.76 16.78
CA LEU B 326 31.11 8.86 16.47
C LEU B 326 32.47 9.60 16.75
N ASN B 327 32.51 10.90 16.52
CA ASN B 327 33.69 11.68 16.89
C ASN B 327 33.94 11.75 18.36
N LYS B 328 32.92 11.62 19.18
CA LYS B 328 33.18 11.46 20.61
C LYS B 328 33.72 10.08 20.94
N GLY B 329 33.73 9.14 20.01
CA GLY B 329 34.23 7.82 20.30
C GLY B 329 33.17 6.81 20.63
N LEU B 330 31.89 7.16 20.44
CA LEU B 330 30.84 6.13 20.53
C LEU B 330 30.86 5.27 19.27
N SER B 331 30.44 4.04 19.42
CA SER B 331 30.45 3.15 18.28
C SER B 331 29.21 3.28 17.36
N LEU B 332 29.39 2.95 16.07
CA LEU B 332 28.29 3.08 15.13
C LEU B 332 27.18 2.15 15.53
N GLU B 333 27.47 0.94 16.00
CA GLU B 333 26.39 0.05 16.43
C GLU B 333 25.61 0.49 17.67
N THR B 334 26.20 1.36 18.49
CA THR B 334 25.50 1.95 19.62
C THR B 334 24.46 3.01 19.24
N VAL B 335 24.82 3.85 18.30
CA VAL B 335 24.07 5.03 17.95
C VAL B 335 23.10 4.80 16.79
N LEU B 336 23.54 4.02 15.83
CA LEU B 336 22.76 3.77 14.62
C LEU B 336 21.32 3.27 14.85
N PRO B 337 21.12 2.41 15.89
CA PRO B 337 19.72 2.01 16.19
C PRO B 337 18.81 3.16 16.44
N MET B 338 19.31 4.28 16.97
CA MET B 338 18.47 5.45 17.30
C MET B 338 17.85 6.13 16.05
N LEU B 339 18.47 5.91 14.88
CA LEU B 339 17.96 6.34 13.56
C LEU B 339 17.21 5.27 12.76
N THR B 340 17.19 4.02 13.23
CA THR B 340 16.80 2.89 12.41
C THR B 340 15.92 1.94 13.21
N SER B 341 16.48 0.89 13.83
CA SER B 341 15.68 -0.18 14.42
C SER B 341 14.86 0.31 15.60
N ASN B 342 15.37 1.25 16.39
CA ASN B 342 14.57 1.68 17.58
C ASN B 342 13.28 2.41 17.12
N VAL B 343 13.39 3.13 16.01
CA VAL B 343 12.22 3.85 15.42
C VAL B 343 11.24 2.85 14.88
N ALA B 344 11.73 1.85 14.13
CA ALA B 344 10.88 0.85 13.53
C ALA B 344 10.17 0.10 14.61
N ASN B 345 10.86 -0.12 15.72
CA ASN B 345 10.25 -0.89 16.82
C ASN B 345 9.07 -0.17 17.40
N ILE B 346 9.24 1.09 17.77
CA ILE B 346 8.09 1.81 18.38
C ILE B 346 6.95 2.07 17.38
N LEU B 347 7.31 2.31 16.12
CA LEU B 347 6.23 2.63 15.13
C LEU B 347 5.65 1.40 14.45
N ARG B 348 6.14 0.24 14.83
CA ARG B 348 5.67 -1.02 14.34
C ARG B 348 5.83 -1.15 12.86
N PHE B 349 6.95 -0.68 12.37
CA PHE B 349 7.35 -0.89 10.95
C PHE B 349 8.15 -2.19 10.85
N LYS B 350 7.40 -3.27 10.76
CA LYS B 350 8.00 -4.62 10.89
C LYS B 350 8.99 -4.96 9.80
N ASN B 351 8.90 -4.28 8.64
CA ASN B 351 9.78 -4.51 7.51
C ASN B 351 10.89 -3.50 7.31
N LYS B 352 11.09 -2.61 8.27
CA LYS B 352 12.11 -1.58 8.18
C LYS B 352 13.09 -1.63 9.37
N GLY B 353 14.17 -0.90 9.20
CA GLY B 353 15.07 -0.61 10.27
C GLY B 353 16.24 -1.57 10.44
N GLN B 354 16.28 -2.65 9.66
CA GLN B 354 17.29 -3.70 9.83
C GLN B 354 17.74 -4.22 8.48
N ILE B 355 19.00 -4.57 8.38
CA ILE B 355 19.51 -5.31 7.21
C ILE B 355 19.46 -6.78 7.56
N ALA B 356 18.38 -7.38 7.15
CA ALA B 356 18.05 -8.77 7.44
C ALA B 356 17.19 -9.28 6.33
N VAL B 357 17.29 -10.57 6.08
CA VAL B 357 16.48 -11.16 5.03
C VAL B 357 14.99 -10.96 5.32
N GLY B 358 14.24 -10.62 4.29
CA GLY B 358 12.79 -10.36 4.42
C GLY B 358 12.42 -8.90 4.66
N PHE B 359 13.36 -8.07 5.08
CA PHE B 359 13.10 -6.67 5.31
C PHE B 359 13.20 -5.88 4.03
N ASP B 360 12.71 -4.64 4.09
CA ASP B 360 12.69 -3.81 2.91
C ASP B 360 14.10 -3.38 2.57
N ALA B 361 14.37 -3.29 1.26
CA ALA B 361 15.68 -2.86 0.76
C ALA B 361 15.86 -1.33 0.79
N ASP B 362 15.96 -0.84 2.04
CA ASP B 362 16.14 0.56 2.36
C ASP B 362 17.54 0.56 3.03
N LEU B 363 18.53 1.14 2.35
CA LEU B 363 19.98 0.94 2.67
C LEU B 363 20.77 2.15 2.33
N LEU B 364 21.78 2.45 3.15
CA LEU B 364 22.76 3.49 2.89
C LEU B 364 24.15 2.82 2.78
N VAL B 365 24.95 3.37 1.88
CA VAL B 365 26.42 3.07 1.95
C VAL B 365 27.12 4.34 2.40
N MET B 366 28.08 4.19 3.32
CA MET B 366 28.86 5.31 3.85
C MET B 366 30.33 5.11 3.56
N ASN B 367 31.00 6.23 3.39
CA ASN B 367 32.48 6.19 3.34
C ASN B 367 33.05 6.17 4.76
N GLU B 368 34.39 6.16 4.85
CA GLU B 368 35.03 6.06 6.16
C GLU B 368 34.89 7.35 6.99
N LYS B 369 34.58 8.49 6.38
CA LYS B 369 34.17 9.67 7.18
C LYS B 369 32.66 9.69 7.60
N TYR B 370 31.97 8.60 7.37
CA TYR B 370 30.53 8.48 7.62
C TYR B 370 29.64 9.41 6.78
N GLU B 371 30.13 9.84 5.62
CA GLU B 371 29.35 10.59 4.69
C GLU B 371 28.60 9.53 3.83
N ILE B 372 27.34 9.85 3.52
CA ILE B 372 26.45 8.94 2.81
C ILE B 372 26.78 9.07 1.33
N THR B 373 27.25 7.99 0.73
CA THR B 373 27.62 8.00 -0.67
C THR B 373 26.55 7.39 -1.60
N ASP B 374 25.72 6.50 -1.07
CA ASP B 374 24.73 5.79 -1.88
C ASP B 374 23.47 5.62 -0.98
N VAL B 375 22.30 5.73 -1.61
CA VAL B 375 20.99 5.61 -0.89
C VAL B 375 20.08 4.82 -1.74
N MET B 376 19.57 3.72 -1.19
CA MET B 376 18.63 2.85 -1.84
C MET B 376 17.32 2.85 -1.02
N ALA B 377 16.19 3.09 -1.68
CA ALA B 377 14.85 3.07 -1.08
C ALA B 377 14.03 2.12 -1.90
N GLN B 378 13.49 1.09 -1.23
CA GLN B 378 12.65 0.08 -1.86
C GLN B 378 13.32 -0.58 -3.07
N GLY B 379 14.61 -0.77 -2.93
CA GLY B 379 15.37 -1.39 -3.99
C GLY B 379 15.78 -0.53 -5.13
N VAL B 380 15.56 0.77 -5.06
CA VAL B 380 15.91 1.67 -6.15
C VAL B 380 16.91 2.64 -5.72
N TRP B 381 17.94 2.94 -6.52
CA TRP B 381 18.96 3.89 -6.09
C TRP B 381 18.47 5.31 -6.27
N HIS B 382 18.53 6.11 -5.22
CA HIS B 382 18.27 7.53 -5.29
C HIS B 382 19.55 8.35 -5.33
N LYS B 383 20.59 7.77 -4.80
CA LYS B 383 21.98 8.38 -4.81
C LYS B 383 22.90 7.27 -5.04
N GLN B 384 23.87 7.44 -5.96
CA GLN B 384 24.86 6.39 -6.17
C GLN B 384 26.22 7.06 -6.46
N ASN B 385 27.26 6.58 -5.81
CA ASN B 385 28.59 7.17 -5.97
C ASN B 385 28.63 8.68 -5.85
N ASN B 386 27.96 9.20 -4.85
CA ASN B 386 27.88 10.65 -4.63
C ASN B 386 27.09 11.45 -5.67
N GLN B 387 26.33 10.81 -6.52
CA GLN B 387 25.57 11.50 -7.53
C GLN B 387 24.03 11.26 -7.25
N THR B 388 23.25 12.29 -7.45
CA THR B 388 21.79 12.17 -7.50
C THR B 388 21.32 11.36 -8.65
N MET B 389 20.54 10.30 -8.37
CA MET B 389 19.93 9.50 -9.40
C MET B 389 18.46 9.82 -9.61
N ILE B 390 17.75 10.25 -8.59
CA ILE B 390 16.31 10.57 -8.68
C ILE B 390 16.14 11.86 -7.94
N LYS B 391 15.42 12.81 -8.51
CA LYS B 391 15.02 13.99 -7.77
C LYS B 391 13.48 14.08 -7.76
N GLY B 392 12.98 14.95 -6.90
CA GLY B 392 11.51 15.22 -6.83
C GLY B 392 11.01 15.92 -8.11
N THR B 393 9.72 15.83 -8.34
CA THR B 393 9.10 16.32 -9.57
C THR B 393 9.45 17.76 -9.85
N PHE B 394 9.44 18.61 -8.86
CA PHE B 394 9.67 20.04 -9.02
C PHE B 394 10.97 20.51 -8.35
N GLU B 395 11.86 19.61 -8.02
CA GLU B 395 13.16 20.04 -7.49
C GLU B 395 14.03 20.55 -8.65
#